data_4R41
#
_entry.id   4R41
#
_cell.length_a   59.595
_cell.length_b   97.733
_cell.length_c   63.943
_cell.angle_alpha   90.00
_cell.angle_beta   102.52
_cell.angle_gamma   90.00
#
_symmetry.space_group_name_H-M   'P 1 21 1'
#
loop_
_entity.id
_entity.type
_entity.pdbx_description
1 polymer 'Aspartate-semialdehyde dehydrogenase'
2 non-polymer '4-nitro-2-phosphonobenzoic acid'
3 non-polymer 'NADP NICOTINAMIDE-ADENINE-DINUCLEOTIDE PHOSPHATE'
4 non-polymer 'ACETATE ION'
5 non-polymer 'SODIUM ION'
6 non-polymer 1,2-ETHANEDIOL
7 water water
#
_entity_poly.entity_id   1
_entity_poly.type   'polypeptide(L)'
_entity_poly.pdbx_seq_one_letter_code
;MGYTVAVVGATGAVGAQMIKMLEESTLPIDKIRYLASARSAGKSLKFKDQDITIEETTETAFEGVDIALFSAGSSTSAKY
APYAVKAGVVVVDNTSYFRQNPDVPLVVPEVNAHALDAHNGIIACPNCSTIQMMVALEPVRQKWGLDRIIVSTYQAVSGA
GMGAILETQRELREVLNDGVKPCDLHAEILPSGGDKKHYPIAFNALPQIDVFTDNDYTYEEMKMTKETKKIMEDDSIAVS
ATCVRIPVLSAHSESVYIETKEVAPIEEVKAAIAAFPGAVLEDDVAHQIYPQAINAVGSRDTFVGRIRKDLDAEKGIHMW
VVSDNLLKGAAWNSVQIAETLHERGLVRPTAELKFELKLEHHHHHH
;
_entity_poly.pdbx_strand_id   A,B
#
# COMPACT_ATOMS: atom_id res chain seq x y z
N GLY A 2 27.39 -35.24 5.16
CA GLY A 2 26.55 -34.11 4.69
C GLY A 2 25.23 -34.61 4.14
N TYR A 3 24.42 -33.68 3.61
CA TYR A 3 23.09 -34.03 3.11
C TYR A 3 23.01 -34.00 1.59
N THR A 4 22.06 -34.78 1.05
CA THR A 4 21.57 -34.57 -0.29
C THR A 4 20.35 -33.65 -0.22
N VAL A 5 20.42 -32.52 -0.92
CA VAL A 5 19.36 -31.51 -0.87
C VAL A 5 18.74 -31.32 -2.27
N ALA A 6 17.41 -31.39 -2.35
CA ALA A 6 16.70 -31.11 -3.60
C ALA A 6 15.99 -29.79 -3.52
N VAL A 7 16.08 -29.00 -4.59
CA VAL A 7 15.28 -27.76 -4.71
C VAL A 7 14.23 -28.02 -5.79
N VAL A 8 12.98 -28.05 -5.38
CA VAL A 8 11.83 -28.28 -6.30
C VAL A 8 11.29 -26.92 -6.73
N GLY A 9 11.32 -26.68 -8.04
CA GLY A 9 11.08 -25.34 -8.57
C GLY A 9 12.33 -24.49 -8.66
N ALA A 10 13.45 -25.12 -9.00
CA ALA A 10 14.74 -24.42 -9.00
C ALA A 10 14.84 -23.30 -10.04
N THR A 11 14.00 -23.37 -11.08
CA THR A 11 14.03 -22.42 -12.19
C THR A 11 13.15 -21.17 -11.98
N GLY A 12 12.41 -21.14 -10.88
CA GLY A 12 11.48 -20.04 -10.61
C GLY A 12 12.06 -18.87 -9.85
N ALA A 13 11.23 -17.87 -9.57
CA ALA A 13 11.64 -16.68 -8.82
C ALA A 13 12.15 -17.06 -7.42
N VAL A 14 11.34 -17.82 -6.67
CA VAL A 14 11.72 -18.28 -5.32
C VAL A 14 12.89 -19.25 -5.43
N GLY A 15 12.78 -20.21 -6.36
CA GLY A 15 13.83 -21.21 -6.61
C GLY A 15 15.21 -20.62 -6.80
N ALA A 16 15.30 -19.52 -7.56
CA ALA A 16 16.59 -18.84 -7.77
C ALA A 16 17.20 -18.36 -6.46
N GLN A 17 16.34 -17.84 -5.57
CA GLN A 17 16.80 -17.35 -4.27
C GLN A 17 17.11 -18.53 -3.34
N MET A 18 16.38 -19.63 -3.50
CA MET A 18 16.65 -20.86 -2.73
CA MET A 18 16.67 -20.84 -2.72
C MET A 18 18.09 -21.30 -3.00
N ILE A 19 18.48 -21.25 -4.28
CA ILE A 19 19.84 -21.64 -4.69
C ILE A 19 20.85 -20.73 -4.00
N LYS A 20 20.63 -19.42 -4.07
CA LYS A 20 21.53 -18.45 -3.47
C LYS A 20 21.62 -18.67 -1.94
N MET A 21 20.46 -18.81 -1.29
CA MET A 21 20.43 -19.04 0.16
C MET A 21 21.13 -20.35 0.54
N LEU A 22 20.95 -21.41 -0.25
CA LEU A 22 21.70 -22.66 0.00
C LEU A 22 23.20 -22.53 -0.21
N GLU A 23 23.61 -21.82 -1.27
CA GLU A 23 25.04 -21.60 -1.53
C GLU A 23 25.72 -20.90 -0.34
N GLU A 24 24.95 -20.07 0.36
CA GLU A 24 25.46 -19.26 1.45
C GLU A 24 25.11 -19.86 2.82
N SER A 25 24.54 -21.06 2.83
CA SER A 25 24.06 -21.65 4.09
C SER A 25 25.15 -22.36 4.90
N THR A 26 24.79 -22.70 6.12
CA THR A 26 25.63 -23.51 7.01
C THR A 26 25.27 -25.00 6.96
N LEU A 27 24.44 -25.38 6.00
CA LEU A 27 24.04 -26.78 5.84
C LEU A 27 25.20 -27.54 5.19
N PRO A 28 25.57 -28.71 5.74
CA PRO A 28 26.65 -29.46 5.07
C PRO A 28 26.05 -30.18 3.87
N ILE A 29 26.30 -29.67 2.66
CA ILE A 29 25.66 -30.24 1.46
C ILE A 29 26.64 -31.08 0.65
N ASP A 30 26.38 -32.39 0.58
CA ASP A 30 27.20 -33.33 -0.21
C ASP A 30 26.78 -33.40 -1.67
N LYS A 31 25.47 -33.23 -1.92
CA LYS A 31 24.90 -33.37 -3.26
C LYS A 31 23.70 -32.43 -3.36
N ILE A 32 23.61 -31.73 -4.50
CA ILE A 32 22.47 -30.86 -4.83
C ILE A 32 21.76 -31.43 -6.05
N ARG A 33 20.43 -31.43 -5.98
CA ARG A 33 19.58 -31.76 -7.11
C ARG A 33 18.59 -30.64 -7.34
N TYR A 34 18.39 -30.30 -8.62
CA TYR A 34 17.45 -29.26 -9.04
C TYR A 34 16.32 -29.95 -9.77
N LEU A 35 15.09 -29.68 -9.32
CA LEU A 35 13.91 -30.33 -9.88
C LEU A 35 12.95 -29.26 -10.36
N ALA A 36 12.28 -29.52 -11.48
CA ALA A 36 11.34 -28.54 -12.04
C ALA A 36 10.37 -29.31 -12.92
N SER A 37 9.84 -28.70 -13.97
CA SER A 37 8.91 -29.45 -14.82
C SER A 37 9.71 -30.18 -15.88
N ALA A 38 9.04 -31.06 -16.64
CA ALA A 38 9.70 -31.77 -17.75
C ALA A 38 10.25 -30.80 -18.83
N ARG A 39 9.68 -29.60 -18.93
CA ARG A 39 10.18 -28.59 -19.86
C ARG A 39 11.61 -28.18 -19.53
N SER A 40 11.90 -28.02 -18.24
CA SER A 40 13.26 -27.66 -17.83
C SER A 40 14.19 -28.86 -17.67
N ALA A 41 13.63 -30.06 -17.50
CA ALA A 41 14.43 -31.25 -17.25
C ALA A 41 15.39 -31.44 -18.42
N GLY A 42 16.65 -31.66 -18.10
CA GLY A 42 17.68 -31.84 -19.12
C GLY A 42 18.51 -30.59 -19.36
N LYS A 43 18.00 -29.43 -18.92
CA LYS A 43 18.80 -28.21 -18.98
C LYS A 43 19.71 -28.14 -17.75
N SER A 44 20.55 -27.09 -17.70
CA SER A 44 21.63 -26.96 -16.72
C SER A 44 21.52 -25.65 -15.94
N LEU A 45 21.85 -25.71 -14.66
CA LEU A 45 21.88 -24.52 -13.81
C LEU A 45 23.09 -24.66 -12.87
N LYS A 46 23.61 -23.54 -12.37
CA LYS A 46 24.77 -23.55 -11.48
C LYS A 46 24.42 -23.83 -10.01
N PHE A 47 25.29 -24.56 -9.33
CA PHE A 47 25.42 -24.46 -7.87
C PHE A 47 26.86 -24.11 -7.61
N LYS A 48 27.07 -22.89 -7.11
CA LYS A 48 28.40 -22.29 -7.02
C LYS A 48 29.02 -22.42 -8.42
N ASP A 49 30.11 -23.16 -8.54
CA ASP A 49 30.74 -23.33 -9.85
C ASP A 49 30.37 -24.63 -10.59
N GLN A 50 29.60 -25.50 -9.94
CA GLN A 50 29.18 -26.79 -10.49
C GLN A 50 27.96 -26.65 -11.40
N ASP A 51 27.99 -27.29 -12.57
CA ASP A 51 26.81 -27.39 -13.44
C ASP A 51 25.93 -28.52 -12.93
N ILE A 52 24.64 -28.23 -12.76
CA ILE A 52 23.71 -29.20 -12.22
C ILE A 52 22.62 -29.41 -13.25
N THR A 53 22.41 -30.67 -13.64
CA THR A 53 21.35 -31.04 -14.60
C THR A 53 19.99 -31.02 -13.92
N ILE A 54 19.08 -30.21 -14.44
CA ILE A 54 17.71 -30.13 -13.95
C ILE A 54 16.92 -31.40 -14.22
N GLU A 55 16.18 -31.85 -13.22
CA GLU A 55 15.41 -33.07 -13.33
C GLU A 55 13.93 -32.77 -13.26
N GLU A 56 13.15 -33.71 -13.79
CA GLU A 56 11.68 -33.62 -13.74
C GLU A 56 11.23 -34.00 -12.33
N THR A 57 10.26 -33.26 -11.80
CA THR A 57 9.69 -33.62 -10.52
C THR A 57 8.69 -34.77 -10.70
N THR A 58 8.98 -35.92 -10.10
CA THR A 58 8.12 -37.11 -10.22
C THR A 58 8.04 -37.83 -8.88
N GLU A 59 7.10 -38.78 -8.77
CA GLU A 59 6.96 -39.60 -7.56
C GLU A 59 8.23 -40.33 -7.20
N THR A 60 9.10 -40.53 -8.19
CA THR A 60 10.33 -41.29 -8.01
C THR A 60 11.61 -40.45 -8.03
N ALA A 61 11.49 -39.12 -8.08
CA ALA A 61 12.68 -38.23 -8.11
C ALA A 61 13.42 -38.04 -6.76
N PHE A 62 12.91 -38.59 -5.67
CA PHE A 62 13.40 -38.24 -4.32
C PHE A 62 14.24 -39.30 -3.62
N GLU A 63 14.61 -40.35 -4.37
CA GLU A 63 15.42 -41.42 -3.82
C GLU A 63 16.78 -40.86 -3.39
N GLY A 64 17.21 -41.17 -2.17
CA GLY A 64 18.50 -40.70 -1.67
C GLY A 64 18.51 -39.26 -1.15
N VAL A 65 17.39 -38.56 -1.27
CA VAL A 65 17.32 -37.14 -0.82
C VAL A 65 17.02 -37.04 0.67
N ASP A 66 17.77 -36.20 1.37
CA ASP A 66 17.56 -36.01 2.82
C ASP A 66 16.60 -34.86 3.13
N ILE A 67 16.72 -33.82 2.33
CA ILE A 67 15.94 -32.59 2.53
C ILE A 67 15.49 -32.06 1.18
N ALA A 68 14.20 -31.78 1.05
CA ALA A 68 13.73 -31.17 -0.19
C ALA A 68 13.02 -29.85 0.13
N LEU A 69 13.36 -28.82 -0.62
CA LEU A 69 12.75 -27.50 -0.45
C LEU A 69 11.83 -27.26 -1.65
N PHE A 70 10.53 -27.15 -1.39
CA PHE A 70 9.52 -26.99 -2.45
C PHE A 70 9.12 -25.54 -2.63
N SER A 71 9.29 -25.04 -3.85
CA SER A 71 8.79 -23.72 -4.21
C SER A 71 8.30 -23.71 -5.65
N ALA A 72 7.39 -24.63 -5.93
CA ALA A 72 6.89 -24.84 -7.28
C ALA A 72 5.36 -24.74 -7.38
N GLY A 73 4.73 -24.08 -6.40
CA GLY A 73 3.28 -23.89 -6.41
C GLY A 73 2.57 -24.99 -5.64
N SER A 74 1.46 -24.61 -4.99
CA SER A 74 0.66 -25.56 -4.22
C SER A 74 0.36 -26.89 -4.91
N SER A 75 0.01 -26.85 -6.20
N SER A 75 0.02 -26.84 -6.20
CA SER A 75 -0.37 -28.09 -6.86
CA SER A 75 -0.37 -28.07 -6.90
C SER A 75 0.80 -29.07 -6.91
C SER A 75 0.79 -29.07 -6.97
N THR A 76 2.01 -28.56 -7.19
CA THR A 76 3.23 -29.39 -7.21
C THR A 76 3.55 -29.99 -5.83
N SER A 77 3.33 -29.21 -4.76
CA SER A 77 3.54 -29.72 -3.40
C SER A 77 2.48 -30.79 -3.04
N ALA A 78 1.21 -30.51 -3.37
CA ALA A 78 0.12 -31.46 -3.11
C ALA A 78 0.45 -32.82 -3.74
N LYS A 79 0.90 -32.78 -4.98
CA LYS A 79 1.20 -33.95 -5.80
C LYS A 79 2.43 -34.73 -5.32
N TYR A 80 3.52 -34.03 -4.97
CA TYR A 80 4.81 -34.71 -4.80
C TYR A 80 5.40 -34.73 -3.40
N ALA A 81 5.05 -33.73 -2.57
CA ALA A 81 5.60 -33.72 -1.21
C ALA A 81 5.29 -35.03 -0.46
N PRO A 82 4.03 -35.55 -0.56
CA PRO A 82 3.76 -36.83 0.10
C PRO A 82 4.64 -37.99 -0.39
N TYR A 83 4.97 -38.02 -1.68
CA TYR A 83 5.89 -39.03 -2.19
C TYR A 83 7.30 -38.81 -1.67
N ALA A 84 7.75 -37.56 -1.59
CA ALA A 84 9.04 -37.30 -0.97
C ALA A 84 9.09 -37.83 0.48
N VAL A 85 8.05 -37.56 1.29
CA VAL A 85 7.98 -38.03 2.70
C VAL A 85 8.04 -39.56 2.72
N LYS A 86 7.27 -40.17 1.84
CA LYS A 86 7.29 -41.63 1.68
C LYS A 86 8.70 -42.18 1.35
N ALA A 87 9.47 -41.42 0.57
CA ALA A 87 10.87 -41.80 0.26
C ALA A 87 11.85 -41.61 1.44
N GLY A 88 11.42 -40.91 2.50
CA GLY A 88 12.29 -40.68 3.67
C GLY A 88 12.83 -39.27 3.77
N VAL A 89 12.31 -38.37 2.93
CA VAL A 89 12.79 -36.98 2.85
C VAL A 89 12.14 -36.16 3.94
N VAL A 90 12.84 -35.14 4.45
CA VAL A 90 12.16 -34.07 5.19
C VAL A 90 11.94 -32.92 4.24
N VAL A 91 10.66 -32.53 4.10
CA VAL A 91 10.24 -31.55 3.14
C VAL A 91 10.04 -30.22 3.86
N VAL A 92 10.61 -29.14 3.32
CA VAL A 92 10.24 -27.80 3.76
C VAL A 92 9.45 -27.19 2.61
N ASP A 93 8.18 -26.90 2.84
CA ASP A 93 7.29 -26.47 1.75
C ASP A 93 6.98 -24.98 1.88
N ASN A 94 7.29 -24.20 0.84
CA ASN A 94 6.93 -22.76 0.79
C ASN A 94 5.46 -22.46 0.47
N THR A 95 4.74 -23.46 -0.04
CA THR A 95 3.41 -23.19 -0.60
C THR A 95 2.33 -23.15 0.48
N SER A 96 1.12 -22.74 0.09
CA SER A 96 0.02 -22.69 1.07
C SER A 96 -0.57 -24.07 1.41
N TYR A 97 -0.23 -25.10 0.63
CA TYR A 97 -1.02 -26.33 0.61
C TYR A 97 -1.18 -27.00 1.97
N PHE A 98 -0.06 -27.17 2.67
CA PHE A 98 -0.06 -27.93 3.92
C PHE A 98 -0.10 -27.06 5.17
N ARG A 99 -0.24 -25.75 5.02
CA ARG A 99 0.01 -24.84 6.14
C ARG A 99 -0.93 -25.05 7.33
N GLN A 100 -2.18 -25.39 7.04
CA GLN A 100 -3.20 -25.52 8.08
C GLN A 100 -3.47 -26.98 8.43
N ASN A 101 -2.60 -27.88 7.97
CA ASN A 101 -2.72 -29.29 8.31
C ASN A 101 -2.19 -29.46 9.73
N PRO A 102 -2.99 -30.07 10.65
CA PRO A 102 -2.55 -30.11 12.06
C PRO A 102 -1.32 -30.99 12.30
N ASP A 103 -0.94 -31.81 11.34
CA ASP A 103 0.26 -32.64 11.42
C ASP A 103 1.52 -31.91 10.90
N VAL A 104 1.34 -30.65 10.51
CA VAL A 104 2.43 -29.90 9.86
C VAL A 104 2.79 -28.66 10.68
N PRO A 105 4.02 -28.60 11.22
CA PRO A 105 4.47 -27.37 11.88
C PRO A 105 4.52 -26.23 10.84
N LEU A 106 4.03 -25.05 11.24
CA LEU A 106 4.05 -23.85 10.40
C LEU A 106 5.01 -22.87 11.07
N VAL A 107 6.22 -22.77 10.52
CA VAL A 107 7.33 -22.24 11.31
C VAL A 107 8.01 -20.98 10.79
N VAL A 108 8.25 -20.05 11.71
CA VAL A 108 9.20 -18.95 11.52
C VAL A 108 10.22 -19.20 12.62
N PRO A 109 11.48 -19.54 12.28
CA PRO A 109 12.36 -20.05 13.34
C PRO A 109 12.57 -19.17 14.57
N GLU A 110 12.54 -17.84 14.42
CA GLU A 110 12.74 -16.92 15.56
C GLU A 110 11.54 -16.93 16.50
N VAL A 111 10.41 -17.40 15.98
CA VAL A 111 9.13 -17.31 16.70
C VAL A 111 8.72 -18.63 17.34
N ASN A 112 8.76 -19.72 16.57
CA ASN A 112 8.20 -21.01 17.05
C ASN A 112 9.00 -22.22 16.60
N ALA A 113 10.33 -22.10 16.64
CA ALA A 113 11.21 -23.21 16.27
C ALA A 113 10.87 -24.51 17.00
N HIS A 114 10.39 -24.41 18.24
CA HIS A 114 10.01 -25.59 19.03
C HIS A 114 8.98 -26.49 18.33
N ALA A 115 8.10 -25.88 17.51
CA ALA A 115 7.10 -26.65 16.79
C ALA A 115 7.74 -27.65 15.81
N LEU A 116 9.01 -27.42 15.45
CA LEU A 116 9.73 -28.36 14.56
C LEU A 116 9.88 -29.76 15.15
N ASP A 117 9.95 -29.86 16.47
CA ASP A 117 10.19 -31.13 17.18
C ASP A 117 9.17 -32.23 16.86
N ALA A 118 7.94 -31.82 16.56
CA ALA A 118 6.82 -32.71 16.32
C ALA A 118 6.55 -32.98 14.85
N HIS A 119 7.48 -32.63 13.96
CA HIS A 119 7.20 -32.77 12.53
C HIS A 119 7.00 -34.22 12.10
N ASN A 120 6.20 -34.40 11.03
CA ASN A 120 5.95 -35.70 10.42
C ASN A 120 6.47 -35.75 8.99
N GLY A 121 7.57 -35.02 8.73
CA GLY A 121 8.19 -35.08 7.41
C GLY A 121 7.92 -33.87 6.53
N ILE A 122 6.93 -33.05 6.90
CA ILE A 122 6.69 -31.80 6.18
C ILE A 122 6.64 -30.61 7.16
N ILE A 123 7.44 -29.59 6.86
CA ILE A 123 7.39 -28.35 7.62
C ILE A 123 6.96 -27.29 6.63
N ALA A 124 5.95 -26.50 6.99
CA ALA A 124 5.47 -25.45 6.10
C ALA A 124 6.06 -24.09 6.45
N CYS A 125 6.43 -23.36 5.41
N CYS A 125 6.44 -23.38 5.40
CA CYS A 125 6.86 -21.97 5.51
CA CYS A 125 6.69 -21.95 5.51
C CYS A 125 5.61 -21.11 5.31
C CYS A 125 5.38 -21.22 5.48
N PRO A 126 5.32 -20.13 6.23
CA PRO A 126 4.12 -19.30 6.07
C PRO A 126 4.21 -18.46 4.81
N ASN A 127 3.12 -17.79 4.50
CA ASN A 127 3.06 -16.84 3.41
C ASN A 127 4.03 -15.69 3.68
N CYS A 128 4.62 -15.12 2.61
CA CYS A 128 5.66 -14.08 2.76
C CYS A 128 5.21 -12.88 3.61
N SER A 129 4.00 -12.41 3.35
CA SER A 129 3.42 -11.31 4.13
C SER A 129 3.28 -11.66 5.62
N THR A 130 2.88 -12.89 5.90
CA THR A 130 2.75 -13.30 7.29
C THR A 130 4.09 -13.35 7.99
N ILE A 131 5.10 -13.91 7.34
CA ILE A 131 6.39 -14.09 8.02
C ILE A 131 6.93 -12.77 8.54
N GLN A 132 7.03 -11.75 7.68
CA GLN A 132 7.63 -10.48 8.15
C GLN A 132 6.83 -9.83 9.29
N MET A 133 5.50 -9.99 9.26
CA MET A 133 4.64 -9.48 10.35
C MET A 133 4.89 -10.22 11.68
N MET A 134 5.09 -11.54 11.60
CA MET A 134 5.38 -12.34 12.80
C MET A 134 6.74 -11.96 13.40
N VAL A 135 7.71 -11.68 12.54
CA VAL A 135 9.03 -11.25 13.03
C VAL A 135 8.93 -9.93 13.80
N ALA A 136 8.12 -9.02 13.30
CA ALA A 136 7.96 -7.70 13.89
C ALA A 136 7.16 -7.77 15.19
N LEU A 137 6.17 -8.66 15.25
CA LEU A 137 5.18 -8.63 16.33
C LEU A 137 5.46 -9.60 17.47
N GLU A 138 6.20 -10.68 17.19
CA GLU A 138 6.47 -11.64 18.25
C GLU A 138 7.13 -10.98 19.49
N PRO A 139 8.15 -10.10 19.30
CA PRO A 139 8.78 -9.48 20.48
C PRO A 139 7.78 -8.64 21.29
N VAL A 140 6.79 -8.07 20.61
CA VAL A 140 5.70 -7.36 21.29
C VAL A 140 4.76 -8.32 22.00
N ARG A 141 4.33 -9.39 21.32
CA ARG A 141 3.44 -10.38 21.94
C ARG A 141 4.05 -10.96 23.22
N GLN A 142 5.35 -11.26 23.17
CA GLN A 142 6.04 -11.90 24.31
C GLN A 142 5.95 -11.10 25.61
N LYS A 143 5.90 -9.79 25.49
CA LYS A 143 6.04 -8.89 26.63
C LYS A 143 4.71 -8.26 27.03
N TRP A 144 3.89 -7.89 26.03
CA TRP A 144 2.65 -7.16 26.31
C TRP A 144 1.38 -7.82 25.76
N GLY A 145 1.55 -8.95 25.09
CA GLY A 145 0.43 -9.67 24.49
C GLY A 145 -0.10 -9.00 23.22
N LEU A 146 -0.92 -9.74 22.49
CA LEU A 146 -1.62 -9.20 21.31
C LEU A 146 -3.09 -9.51 21.39
N ASP A 147 -3.91 -8.47 21.33
CA ASP A 147 -5.36 -8.65 21.29
C ASP A 147 -5.87 -8.70 19.85
N ARG A 148 -5.40 -7.78 19.01
CA ARG A 148 -5.86 -7.76 17.63
C ARG A 148 -4.81 -7.13 16.73
N ILE A 149 -4.98 -7.39 15.43
CA ILE A 149 -4.11 -6.90 14.35
C ILE A 149 -5.03 -6.50 13.21
N ILE A 150 -4.79 -5.30 12.69
CA ILE A 150 -5.37 -4.87 11.41
C ILE A 150 -4.16 -4.53 10.53
N VAL A 151 -4.09 -5.14 9.36
CA VAL A 151 -2.95 -4.91 8.46
C VAL A 151 -3.39 -4.57 7.03
N SER A 152 -2.69 -3.60 6.43
CA SER A 152 -2.86 -3.25 5.02
C SER A 152 -1.51 -3.46 4.37
N THR A 153 -1.47 -4.32 3.35
CA THR A 153 -0.18 -4.62 2.72
C THR A 153 0.08 -3.89 1.39
N TYR A 154 1.35 -3.81 1.05
CA TYR A 154 1.85 -3.11 -0.14
C TYR A 154 2.84 -4.09 -0.76
N GLN A 155 2.31 -5.02 -1.55
CA GLN A 155 3.07 -6.21 -1.92
C GLN A 155 3.71 -6.13 -3.30
N ALA A 156 4.96 -6.58 -3.36
CA ALA A 156 5.73 -6.67 -4.59
C ALA A 156 5.24 -7.80 -5.52
N VAL A 157 5.53 -7.67 -6.81
CA VAL A 157 5.01 -8.61 -7.83
C VAL A 157 5.80 -9.94 -7.89
N SER A 158 7.04 -9.96 -7.39
CA SER A 158 7.87 -11.19 -7.50
C SER A 158 7.27 -12.40 -6.76
N GLY A 159 6.40 -12.10 -5.78
CA GLY A 159 5.61 -13.11 -5.09
C GLY A 159 4.70 -13.89 -6.01
N ALA A 160 4.36 -13.31 -7.17
CA ALA A 160 3.48 -13.96 -8.13
C ALA A 160 4.24 -14.75 -9.20
N GLY A 161 5.57 -14.70 -9.12
CA GLY A 161 6.44 -15.51 -9.98
C GLY A 161 7.17 -14.73 -11.05
N MET A 162 8.06 -15.42 -11.76
CA MET A 162 8.85 -14.82 -12.84
C MET A 162 7.98 -14.14 -13.90
N GLY A 163 6.90 -14.80 -14.33
CA GLY A 163 6.03 -14.23 -15.36
C GLY A 163 5.45 -12.88 -14.90
N ALA A 164 5.07 -12.80 -13.63
CA ALA A 164 4.51 -11.56 -13.10
C ALA A 164 5.53 -10.43 -13.09
N ILE A 165 6.79 -10.75 -12.77
CA ILE A 165 7.88 -9.77 -12.83
C ILE A 165 8.02 -9.23 -14.26
N LEU A 166 8.07 -10.15 -15.22
CA LEU A 166 8.28 -9.76 -16.62
C LEU A 166 7.09 -8.96 -17.15
N GLU A 167 5.87 -9.33 -16.76
CA GLU A 167 4.67 -8.62 -17.18
C GLU A 167 4.72 -7.19 -16.62
N THR A 168 5.16 -7.04 -15.38
CA THR A 168 5.25 -5.71 -14.76
C THR A 168 6.26 -4.82 -15.49
N GLN A 169 7.45 -5.38 -15.72
CA GLN A 169 8.50 -4.70 -16.49
C GLN A 169 8.02 -4.30 -17.88
N ARG A 170 7.35 -5.24 -18.56
CA ARG A 170 6.83 -4.98 -19.91
C ARG A 170 5.82 -3.83 -19.89
N GLU A 171 4.84 -3.91 -18.99
CA GLU A 171 3.83 -2.85 -18.88
C GLU A 171 4.44 -1.47 -18.62
N LEU A 172 5.37 -1.40 -17.68
CA LEU A 172 5.99 -0.11 -17.34
C LEU A 172 6.74 0.45 -18.55
N ARG A 173 7.40 -0.42 -19.30
CA ARG A 173 8.14 0.05 -20.49
C ARG A 173 7.19 0.56 -21.57
N GLU A 174 6.08 -0.14 -21.76
CA GLU A 174 5.07 0.29 -22.73
C GLU A 174 4.55 1.68 -22.41
N VAL A 175 4.27 1.95 -21.14
CA VAL A 175 3.80 3.26 -20.73
C VAL A 175 4.88 4.31 -20.92
N LEU A 176 6.07 4.03 -20.37
CA LEU A 176 7.13 5.05 -20.27
C LEU A 176 7.89 5.26 -21.56
N ASN A 177 8.03 4.21 -22.35
CA ASN A 177 8.81 4.28 -23.60
C ASN A 177 7.92 4.40 -24.83
N ASP A 178 6.75 3.76 -24.81
CA ASP A 178 5.88 3.74 -25.99
C ASP A 178 4.69 4.68 -25.89
N GLY A 179 4.48 5.27 -24.72
CA GLY A 179 3.35 6.17 -24.50
C GLY A 179 1.99 5.50 -24.43
N VAL A 180 1.96 4.21 -24.09
CA VAL A 180 0.69 3.51 -23.85
C VAL A 180 0.05 4.02 -22.55
N LYS A 181 -1.25 4.36 -22.58
CA LYS A 181 -1.98 4.70 -21.35
C LYS A 181 -2.12 3.46 -20.44
N PRO A 182 -1.92 3.63 -19.12
CA PRO A 182 -2.04 2.45 -18.26
C PRO A 182 -3.37 1.68 -18.43
N CYS A 183 -4.49 2.41 -18.57
CA CYS A 183 -5.76 1.70 -18.72
CA CYS A 183 -5.82 1.85 -18.82
C CYS A 183 -5.90 0.97 -20.07
N ASP A 184 -4.99 1.23 -21.01
CA ASP A 184 -4.98 0.54 -22.30
C ASP A 184 -4.06 -0.69 -22.34
N LEU A 185 -3.38 -0.99 -21.23
CA LEU A 185 -2.42 -2.09 -21.22
C LEU A 185 -3.12 -3.42 -21.21
N HIS A 186 -2.53 -4.38 -21.92
CA HIS A 186 -2.98 -5.76 -21.88
C HIS A 186 -2.20 -6.54 -20.80
N ALA A 187 -2.93 -7.21 -19.91
CA ALA A 187 -2.30 -8.01 -18.87
C ALA A 187 -2.78 -9.43 -19.01
N GLU A 188 -1.95 -10.39 -18.60
CA GLU A 188 -2.31 -11.80 -18.69
C GLU A 188 -2.20 -12.54 -17.36
N ILE A 189 -1.46 -11.98 -16.39
CA ILE A 189 -1.19 -12.70 -15.12
C ILE A 189 -1.84 -12.05 -13.88
N LEU A 190 -1.43 -10.83 -13.56
CA LEU A 190 -1.93 -10.14 -12.35
C LEU A 190 -3.40 -9.70 -12.53
N PRO A 191 -4.17 -9.62 -11.42
CA PRO A 191 -3.71 -9.82 -10.03
C PRO A 191 -3.45 -11.28 -9.64
N SER A 192 -4.09 -12.23 -10.33
CA SER A 192 -3.94 -13.63 -9.98
C SER A 192 -3.95 -14.54 -11.20
N GLY A 193 -2.87 -15.29 -11.37
CA GLY A 193 -2.72 -16.18 -12.52
C GLY A 193 -3.89 -17.16 -12.63
N GLY A 194 -4.36 -17.64 -11.48
CA GLY A 194 -5.47 -18.57 -11.43
C GLY A 194 -6.88 -18.00 -11.43
N ASP A 195 -7.03 -16.68 -11.65
CA ASP A 195 -8.37 -16.08 -11.71
C ASP A 195 -8.73 -15.75 -13.16
N LYS A 196 -9.96 -15.30 -13.36
CA LYS A 196 -10.54 -15.17 -14.69
C LYS A 196 -10.10 -13.92 -15.44
N LYS A 197 -10.06 -12.80 -14.74
CA LYS A 197 -9.75 -11.52 -15.39
C LYS A 197 -8.41 -11.00 -14.92
N HIS A 198 -7.72 -10.29 -15.82
CA HIS A 198 -6.37 -9.81 -15.54
C HIS A 198 -6.31 -8.30 -15.74
N TYR A 199 -5.56 -7.63 -14.87
CA TYR A 199 -5.52 -6.17 -14.88
C TYR A 199 -4.08 -5.69 -14.87
N PRO A 200 -3.82 -4.50 -15.45
CA PRO A 200 -2.48 -3.91 -15.39
C PRO A 200 -2.07 -3.61 -13.94
N ILE A 201 -0.78 -3.78 -13.66
CA ILE A 201 -0.20 -3.36 -12.39
C ILE A 201 0.56 -2.02 -12.51
N ALA A 202 1.02 -1.69 -13.72
CA ALA A 202 1.79 -0.47 -13.91
C ALA A 202 0.98 0.74 -13.46
N PHE A 203 1.58 1.55 -12.58
CA PHE A 203 0.97 2.76 -12.04
C PHE A 203 -0.42 2.49 -11.43
N ASN A 204 -0.57 1.32 -10.82
CA ASN A 204 -1.85 0.91 -10.26
C ASN A 204 -1.65 0.31 -8.87
N ALA A 205 -2.75 0.17 -8.13
CA ALA A 205 -2.74 -0.52 -6.84
C ALA A 205 -3.90 -1.48 -6.86
N LEU A 206 -3.60 -2.77 -6.88
CA LEU A 206 -4.65 -3.79 -7.07
C LEU A 206 -5.02 -4.45 -5.74
N PRO A 207 -6.23 -4.18 -5.22
CA PRO A 207 -6.61 -4.76 -3.92
C PRO A 207 -7.10 -6.20 -4.06
N GLN A 208 -6.33 -7.02 -4.77
CA GLN A 208 -6.60 -8.46 -4.86
C GLN A 208 -5.30 -9.18 -4.99
N ILE A 209 -5.04 -10.06 -4.03
CA ILE A 209 -3.95 -11.00 -4.10
C ILE A 209 -4.56 -12.38 -3.85
N ASP A 210 -4.18 -13.34 -4.70
CA ASP A 210 -4.82 -14.67 -4.76
C ASP A 210 -6.27 -14.49 -5.21
N VAL A 211 -7.08 -15.54 -5.12
CA VAL A 211 -8.50 -15.47 -5.50
C VAL A 211 -9.38 -15.15 -4.28
N PHE A 212 -10.64 -14.79 -4.52
CA PHE A 212 -11.59 -14.54 -3.43
C PHE A 212 -12.12 -15.80 -2.77
N THR A 213 -12.31 -15.73 -1.46
CA THR A 213 -13.00 -16.78 -0.72
C THR A 213 -14.46 -16.40 -0.55
N ASP A 214 -15.25 -17.32 -0.03
CA ASP A 214 -16.68 -17.09 0.17
C ASP A 214 -17.05 -16.07 1.27
N ASN A 215 -16.08 -15.52 2.00
CA ASN A 215 -16.39 -14.46 2.96
C ASN A 215 -16.00 -13.05 2.47
N ASP A 216 -15.64 -12.97 1.18
CA ASP A 216 -15.29 -11.72 0.48
C ASP A 216 -13.90 -11.16 0.82
N TYR A 217 -13.15 -11.86 1.67
CA TYR A 217 -11.71 -11.60 1.79
C TYR A 217 -11.06 -12.50 0.78
N THR A 218 -9.89 -12.11 0.31
CA THR A 218 -9.12 -12.99 -0.57
C THR A 218 -8.40 -14.09 0.21
N TYR A 219 -7.90 -15.06 -0.52
CA TYR A 219 -7.09 -16.10 0.09
C TYR A 219 -5.86 -15.56 0.77
N GLU A 220 -5.25 -14.50 0.19
CA GLU A 220 -4.06 -13.89 0.79
C GLU A 220 -4.38 -13.29 2.14
N GLU A 221 -5.50 -12.56 2.21
CA GLU A 221 -5.94 -11.97 3.49
C GLU A 221 -6.23 -13.04 4.54
N MET A 222 -6.92 -14.11 4.12
CA MET A 222 -7.26 -15.19 5.05
C MET A 222 -6.03 -15.99 5.49
N LYS A 223 -5.03 -16.12 4.59
CA LYS A 223 -3.72 -16.68 4.99
C LYS A 223 -3.11 -15.92 6.15
N MET A 224 -3.11 -14.59 6.07
CA MET A 224 -2.54 -13.79 7.15
C MET A 224 -3.27 -14.04 8.46
N THR A 225 -4.60 -14.07 8.41
CA THR A 225 -5.42 -14.33 9.61
C THR A 225 -5.11 -15.72 10.21
N LYS A 226 -5.27 -16.76 9.39
CA LYS A 226 -5.15 -18.13 9.88
C LYS A 226 -3.74 -18.53 10.28
N GLU A 227 -2.76 -18.13 9.48
CA GLU A 227 -1.36 -18.47 9.78
C GLU A 227 -0.88 -17.76 11.06
N THR A 228 -1.28 -16.49 11.25
CA THR A 228 -0.90 -15.78 12.49
C THR A 228 -1.36 -16.58 13.72
N LYS A 229 -2.61 -17.06 13.69
CA LYS A 229 -3.17 -17.72 14.89
C LYS A 229 -2.39 -19.01 15.14
N LYS A 230 -2.04 -19.74 14.08
CA LYS A 230 -1.30 -21.00 14.23
C LYS A 230 0.16 -20.77 14.69
N ILE A 231 0.86 -19.82 14.06
CA ILE A 231 2.26 -19.51 14.41
C ILE A 231 2.41 -19.03 15.86
N MET A 232 1.49 -18.16 16.25
CA MET A 232 1.51 -17.60 17.60
C MET A 232 0.79 -18.47 18.62
N GLU A 233 0.22 -19.57 18.14
CA GLU A 233 -0.49 -20.56 18.97
C GLU A 233 -1.56 -19.94 19.84
N ASP A 234 -2.34 -19.04 19.23
CA ASP A 234 -3.36 -18.32 19.97
C ASP A 234 -4.50 -17.94 19.02
N ASP A 235 -5.58 -18.73 19.08
CA ASP A 235 -6.76 -18.47 18.28
C ASP A 235 -7.53 -17.23 18.74
N SER A 236 -7.18 -16.67 19.88
CA SER A 236 -7.90 -15.48 20.38
C SER A 236 -7.41 -14.17 19.74
N ILE A 237 -6.30 -14.21 19.00
CA ILE A 237 -5.81 -13.00 18.35
C ILE A 237 -6.69 -12.69 17.14
N ALA A 238 -7.38 -11.56 17.19
CA ALA A 238 -8.23 -11.10 16.09
C ALA A 238 -7.32 -10.55 14.99
N VAL A 239 -7.50 -11.00 13.75
CA VAL A 239 -6.65 -10.55 12.63
C VAL A 239 -7.52 -10.34 11.40
N SER A 240 -7.45 -9.13 10.83
CA SER A 240 -8.16 -8.83 9.58
C SER A 240 -7.18 -8.08 8.67
N ALA A 241 -7.16 -8.45 7.40
CA ALA A 241 -6.12 -7.94 6.48
C ALA A 241 -6.72 -7.41 5.19
N THR A 242 -6.04 -6.42 4.58
CA THR A 242 -6.32 -6.02 3.20
C THR A 242 -5.00 -6.16 2.46
N CYS A 243 -4.97 -6.96 1.38
CA CYS A 243 -3.71 -7.27 0.71
C CYS A 243 -3.71 -6.62 -0.68
N VAL A 244 -2.74 -5.76 -0.94
CA VAL A 244 -2.78 -4.95 -2.16
C VAL A 244 -1.45 -5.13 -2.90
N ARG A 245 -1.53 -5.38 -4.20
CA ARG A 245 -0.33 -5.42 -5.05
C ARG A 245 -0.03 -4.01 -5.55
N ILE A 246 1.24 -3.63 -5.48
CA ILE A 246 1.70 -2.33 -5.96
C ILE A 246 2.87 -2.55 -6.96
N PRO A 247 3.26 -1.50 -7.74
CA PRO A 247 4.35 -1.70 -8.72
C PRO A 247 5.74 -1.68 -8.07
N VAL A 248 6.05 -2.75 -7.33
CA VAL A 248 7.38 -2.95 -6.71
C VAL A 248 7.82 -4.35 -7.19
N LEU A 249 9.10 -4.56 -7.55
CA LEU A 249 9.46 -5.92 -7.99
C LEU A 249 9.72 -6.86 -6.81
N SER A 250 10.48 -6.36 -5.85
CA SER A 250 10.81 -7.12 -4.65
C SER A 250 10.73 -6.27 -3.38
N ALA A 251 10.28 -6.95 -2.32
CA ALA A 251 10.18 -6.49 -0.94
C ALA A 251 8.74 -6.01 -0.66
N HIS A 252 8.11 -6.66 0.30
CA HIS A 252 6.76 -6.29 0.73
C HIS A 252 6.82 -5.26 1.84
N SER A 253 5.84 -4.36 1.87
CA SER A 253 5.72 -3.42 2.97
C SER A 253 4.33 -3.57 3.60
N GLU A 254 4.24 -3.29 4.90
CA GLU A 254 2.95 -3.47 5.60
C GLU A 254 2.75 -2.36 6.60
N SER A 255 1.54 -1.77 6.55
CA SER A 255 1.09 -0.84 7.57
C SER A 255 0.33 -1.69 8.58
N VAL A 256 0.88 -1.78 9.79
CA VAL A 256 0.43 -2.75 10.78
C VAL A 256 -0.12 -2.02 11.99
N TYR A 257 -1.35 -2.35 12.35
CA TYR A 257 -1.94 -1.82 13.59
C TYR A 257 -2.20 -2.96 14.53
N ILE A 258 -1.79 -2.77 15.78
CA ILE A 258 -2.04 -3.75 16.81
C ILE A 258 -2.70 -3.08 18.03
N GLU A 259 -3.43 -3.90 18.78
CA GLU A 259 -3.75 -3.57 20.17
C GLU A 259 -3.17 -4.66 21.07
N THR A 260 -2.32 -4.26 22.00
CA THR A 260 -1.72 -5.20 22.94
C THR A 260 -2.69 -5.51 24.09
N LYS A 261 -2.30 -6.44 24.97
CA LYS A 261 -3.10 -6.76 26.16
C LYS A 261 -2.84 -5.81 27.32
N GLU A 262 -1.57 -5.48 27.52
CA GLU A 262 -1.18 -4.47 28.50
C GLU A 262 -0.69 -3.31 27.68
N VAL A 263 -0.84 -2.09 28.21
CA VAL A 263 -0.18 -0.93 27.63
C VAL A 263 1.31 -1.23 27.53
N ALA A 264 1.84 -0.98 26.34
CA ALA A 264 3.25 -1.17 26.07
C ALA A 264 3.91 0.18 25.88
N PRO A 265 4.86 0.55 26.76
CA PRO A 265 5.55 1.83 26.58
C PRO A 265 6.15 1.90 25.17
N ILE A 266 5.89 2.98 24.44
CA ILE A 266 6.27 3.04 23.02
C ILE A 266 7.77 2.89 22.74
N GLU A 267 8.61 3.50 23.57
CA GLU A 267 10.06 3.40 23.40
C GLU A 267 10.57 2.00 23.75
N GLU A 268 9.86 1.31 24.64
CA GLU A 268 10.18 -0.09 24.96
C GLU A 268 9.80 -1.04 23.83
N VAL A 269 8.68 -0.76 23.18
CA VAL A 269 8.28 -1.49 21.97
C VAL A 269 9.42 -1.42 20.95
N LYS A 270 9.92 -0.21 20.70
CA LYS A 270 11.08 -0.01 19.83
C LYS A 270 12.27 -0.87 20.28
N ALA A 271 12.55 -0.83 21.59
CA ALA A 271 13.65 -1.62 22.16
C ALA A 271 13.45 -3.12 22.03
N ALA A 272 12.24 -3.63 22.33
CA ALA A 272 11.94 -5.06 22.19
C ALA A 272 12.11 -5.55 20.75
N ILE A 273 11.66 -4.74 19.79
CA ILE A 273 11.82 -5.12 18.38
C ILE A 273 13.31 -5.11 18.01
N ALA A 274 14.03 -4.08 18.45
CA ALA A 274 15.48 -3.99 18.20
C ALA A 274 16.17 -5.24 18.72
N ALA A 275 15.72 -5.69 19.89
CA ALA A 275 16.34 -6.79 20.62
C ALA A 275 16.01 -8.17 20.01
N PHE A 276 15.06 -8.22 19.08
CA PHE A 276 14.53 -9.51 18.63
C PHE A 276 15.30 -9.99 17.40
N PRO A 277 15.80 -11.25 17.44
CA PRO A 277 16.63 -11.69 16.29
C PRO A 277 15.85 -11.75 15.00
N GLY A 278 16.43 -11.20 13.93
CA GLY A 278 15.77 -11.15 12.62
C GLY A 278 15.00 -9.87 12.35
N ALA A 279 14.74 -9.10 13.41
CA ALA A 279 14.09 -7.75 13.30
C ALA A 279 15.13 -6.65 13.50
N VAL A 280 15.11 -5.65 12.62
CA VAL A 280 16.00 -4.50 12.75
C VAL A 280 15.15 -3.25 12.95
N LEU A 281 15.38 -2.55 14.04
CA LEU A 281 14.73 -1.26 14.24
C LEU A 281 15.35 -0.21 13.34
N GLU A 282 14.49 0.38 12.51
CA GLU A 282 14.91 1.46 11.62
CA GLU A 282 14.90 1.43 11.59
C GLU A 282 13.90 2.57 11.80
N ASP A 283 14.20 3.47 12.74
CA ASP A 283 13.15 4.36 13.25
C ASP A 283 13.77 5.59 13.88
N ASP A 284 13.92 6.64 13.10
CA ASP A 284 14.46 7.91 13.63
C ASP A 284 13.85 8.97 12.74
N VAL A 285 12.62 9.36 13.07
CA VAL A 285 11.89 10.26 12.18
C VAL A 285 12.52 11.64 12.09
N ALA A 286 13.25 12.05 13.15
CA ALA A 286 14.02 13.31 13.12
C ALA A 286 14.96 13.34 11.92
N HIS A 287 15.44 12.18 11.49
CA HIS A 287 16.32 12.09 10.33
C HIS A 287 15.68 11.28 9.18
N GLN A 288 14.35 11.20 9.18
CA GLN A 288 13.61 10.56 8.09
C GLN A 288 14.09 9.12 7.88
N ILE A 289 14.33 8.41 8.98
CA ILE A 289 14.77 7.01 8.91
C ILE A 289 13.58 6.13 9.18
N TYR A 290 13.29 5.26 8.21
CA TYR A 290 12.20 4.27 8.30
C TYR A 290 12.50 3.19 7.25
N PRO A 291 11.89 2.00 7.40
CA PRO A 291 12.13 0.96 6.42
C PRO A 291 11.62 1.33 5.02
N GLN A 292 12.37 0.96 4.00
CA GLN A 292 11.99 1.18 2.60
C GLN A 292 12.26 -0.06 1.79
N ALA A 293 11.30 -0.45 0.97
CA ALA A 293 11.41 -1.63 0.10
C ALA A 293 12.72 -1.66 -0.67
N ILE A 294 13.14 -0.52 -1.25
CA ILE A 294 14.32 -0.55 -2.13
C ILE A 294 15.60 -0.81 -1.36
N ASN A 295 15.60 -0.47 -0.06
CA ASN A 295 16.77 -0.72 0.79
C ASN A 295 16.81 -2.12 1.40
N ALA A 296 15.66 -2.77 1.49
CA ALA A 296 15.56 -4.10 2.12
C ALA A 296 15.93 -5.24 1.15
N VAL A 297 15.82 -4.99 -0.15
CA VAL A 297 16.07 -6.04 -1.14
C VAL A 297 17.48 -6.59 -0.94
N GLY A 298 17.59 -7.91 -0.89
CA GLY A 298 18.89 -8.56 -0.71
C GLY A 298 19.29 -8.87 0.72
N SER A 299 18.56 -8.34 1.70
CA SER A 299 18.88 -8.61 3.12
C SER A 299 17.91 -9.66 3.70
N ARG A 300 18.43 -10.53 4.56
CA ARG A 300 17.60 -11.48 5.28
C ARG A 300 16.84 -10.89 6.47
N ASP A 301 17.17 -9.66 6.87
CA ASP A 301 16.54 -9.05 8.05
C ASP A 301 15.16 -8.50 7.70
N THR A 302 14.35 -8.29 8.73
CA THR A 302 13.03 -7.66 8.61
C THR A 302 13.14 -6.30 9.28
N PHE A 303 12.70 -5.24 8.60
CA PHE A 303 12.92 -3.85 9.08
C PHE A 303 11.63 -3.21 9.57
N VAL A 304 11.70 -2.58 10.75
CA VAL A 304 10.50 -2.06 11.40
C VAL A 304 10.71 -0.62 11.84
N GLY A 305 9.77 0.25 11.49
CA GLY A 305 9.80 1.63 11.97
C GLY A 305 8.42 2.25 11.91
N ARG A 306 8.41 3.59 11.84
CA ARG A 306 7.22 4.39 12.05
C ARG A 306 6.44 3.92 13.27
N ILE A 307 7.14 3.41 14.29
CA ILE A 307 6.45 2.90 15.47
C ILE A 307 5.91 4.06 16.31
N ARG A 308 4.62 4.03 16.61
CA ARG A 308 3.98 5.17 17.31
C ARG A 308 2.65 4.71 17.88
N LYS A 309 2.23 5.36 18.97
CA LYS A 309 0.94 5.02 19.57
C LYS A 309 -0.18 5.51 18.68
N ASP A 310 -1.29 4.81 18.73
CA ASP A 310 -2.54 5.31 18.21
C ASP A 310 -2.91 6.61 18.93
N LEU A 311 -3.59 7.51 18.22
CA LEU A 311 -3.95 8.80 18.79
C LEU A 311 -5.01 8.70 19.87
N ASP A 312 -5.76 7.60 19.90
CA ASP A 312 -6.90 7.46 20.80
C ASP A 312 -6.94 6.17 21.61
N ALA A 313 -6.63 5.02 20.99
CA ALA A 313 -6.71 3.75 21.68
C ALA A 313 -5.46 3.57 22.55
N GLU A 314 -5.67 3.41 23.87
CA GLU A 314 -4.56 3.38 24.82
C GLU A 314 -3.57 2.26 24.52
N LYS A 315 -4.09 1.15 24.04
CA LYS A 315 -3.26 -0.03 23.76
C LYS A 315 -2.91 -0.20 22.29
N GLY A 316 -3.31 0.78 21.46
CA GLY A 316 -3.04 0.77 20.02
C GLY A 316 -1.67 1.25 19.63
N ILE A 317 -1.05 0.54 18.68
CA ILE A 317 0.27 0.90 18.14
C ILE A 317 0.24 0.70 16.62
N HIS A 318 0.80 1.66 15.88
CA HIS A 318 0.98 1.55 14.45
C HIS A 318 2.45 1.39 14.13
N MET A 319 2.75 0.68 13.05
CA MET A 319 4.12 0.57 12.59
C MET A 319 4.17 0.21 11.09
N TRP A 320 5.38 0.21 10.56
CA TRP A 320 5.66 -0.04 9.14
C TRP A 320 6.72 -1.13 9.10
N VAL A 321 6.40 -2.23 8.41
CA VAL A 321 7.27 -3.42 8.39
C VAL A 321 7.65 -3.73 6.91
N VAL A 322 8.95 -3.92 6.65
CA VAL A 322 9.42 -4.21 5.28
C VAL A 322 10.38 -5.40 5.30
N SER A 323 10.22 -6.31 4.35
CA SER A 323 11.21 -7.38 4.16
C SER A 323 11.24 -7.83 2.70
N ASP A 324 12.40 -8.31 2.27
CA ASP A 324 12.50 -8.92 0.93
C ASP A 324 11.60 -10.17 0.91
N ASN A 325 10.56 -10.15 0.06
CA ASN A 325 9.57 -11.24 0.04
C ASN A 325 10.12 -12.56 -0.46
N LEU A 326 11.23 -12.53 -1.20
CA LEU A 326 11.80 -13.81 -1.70
C LEU A 326 12.84 -14.35 -0.74
N LEU A 327 13.29 -13.52 0.19
CA LEU A 327 14.28 -13.95 1.19
C LEU A 327 13.60 -14.36 2.48
N LYS A 328 13.49 -13.48 3.47
CA LYS A 328 12.80 -13.87 4.71
C LYS A 328 11.35 -14.32 4.39
N GLY A 329 10.76 -13.70 3.38
CA GLY A 329 9.40 -14.06 2.94
C GLY A 329 9.28 -15.45 2.32
N ALA A 330 10.40 -16.05 1.92
CA ALA A 330 10.34 -17.35 1.23
C ALA A 330 11.63 -18.19 1.40
N ALA A 331 12.62 -17.94 0.54
CA ALA A 331 13.80 -18.79 0.43
C ALA A 331 14.65 -18.78 1.69
N TRP A 332 14.85 -17.60 2.29
CA TRP A 332 15.62 -17.56 3.52
C TRP A 332 14.88 -18.21 4.70
N ASN A 333 13.58 -17.94 4.86
CA ASN A 333 12.84 -18.66 5.90
C ASN A 333 12.96 -20.19 5.74
N SER A 334 12.88 -20.67 4.49
CA SER A 334 12.97 -22.12 4.25
C SER A 334 14.36 -22.67 4.53
N VAL A 335 15.38 -21.98 4.06
CA VAL A 335 16.77 -22.43 4.36
C VAL A 335 17.09 -22.35 5.87
N GLN A 336 16.57 -21.33 6.55
CA GLN A 336 16.72 -21.21 7.99
C GLN A 336 16.04 -22.37 8.72
N ILE A 337 14.86 -22.75 8.22
CA ILE A 337 14.18 -23.93 8.74
C ILE A 337 15.08 -25.16 8.53
N ALA A 338 15.64 -25.33 7.33
CA ALA A 338 16.51 -26.51 7.08
C ALA A 338 17.74 -26.51 8.03
N GLU A 339 18.34 -25.34 8.21
CA GLU A 339 19.49 -25.22 9.15
C GLU A 339 19.05 -25.59 10.57
N THR A 340 17.86 -25.12 10.98
CA THR A 340 17.37 -25.39 12.33
C THR A 340 17.12 -26.89 12.51
N LEU A 341 16.53 -27.52 11.50
CA LEU A 341 16.35 -28.98 11.52
C LEU A 341 17.67 -29.71 11.68
N HIS A 342 18.66 -29.30 10.89
CA HIS A 342 20.00 -29.90 11.01
C HIS A 342 20.56 -29.71 12.44
N GLU A 343 20.51 -28.49 12.93
CA GLU A 343 21.10 -28.14 14.22
C GLU A 343 20.42 -28.85 15.40
N ARG A 344 19.15 -29.22 15.24
CA ARG A 344 18.40 -29.84 16.35
C ARG A 344 18.18 -31.33 16.13
N GLY A 345 18.90 -31.92 15.19
CA GLY A 345 18.87 -33.38 14.97
C GLY A 345 17.55 -33.92 14.46
N LEU A 346 16.86 -33.14 13.62
CA LEU A 346 15.51 -33.48 13.18
C LEU A 346 15.45 -33.89 11.69
N VAL A 347 16.62 -34.00 11.06
CA VAL A 347 16.66 -34.46 9.67
C VAL A 347 16.78 -35.98 9.67
N ARG A 348 15.61 -36.62 9.64
CA ARG A 348 15.50 -38.09 9.67
CA ARG A 348 15.56 -38.07 9.48
C ARG A 348 14.18 -38.51 9.01
N PRO A 349 14.16 -39.70 8.34
CA PRO A 349 12.92 -40.22 7.77
C PRO A 349 11.86 -40.32 8.84
N THR A 350 10.60 -40.10 8.45
CA THR A 350 9.48 -40.23 9.38
C THR A 350 9.00 -41.69 9.47
N ALA A 351 8.53 -42.08 10.65
CA ALA A 351 8.09 -43.45 10.91
C ALA A 351 6.79 -43.80 10.18
N GLU A 352 5.80 -42.91 10.26
CA GLU A 352 4.46 -43.19 9.73
C GLU A 352 4.06 -42.11 8.72
N LEU A 353 3.48 -42.51 7.60
CA LEU A 353 3.00 -41.55 6.60
C LEU A 353 1.63 -40.98 7.00
N LYS A 354 1.55 -39.66 7.06
CA LYS A 354 0.36 -38.98 7.53
C LYS A 354 -0.31 -38.16 6.43
N PHE A 355 0.26 -38.25 5.24
CA PHE A 355 -0.20 -37.46 4.09
C PHE A 355 -0.69 -38.29 2.93
N GLU A 356 -1.91 -37.99 2.50
CA GLU A 356 -2.55 -38.59 1.34
C GLU A 356 -1.70 -38.54 0.08
N LEU A 357 -1.53 -39.68 -0.59
CA LEU A 357 -0.86 -39.73 -1.90
C LEU A 357 -1.92 -39.41 -2.97
N LYS A 358 -1.60 -38.46 -3.85
CA LYS A 358 -2.57 -37.99 -4.85
C LYS A 358 -2.47 -38.69 -6.20
N GLY B 2 -21.68 37.70 -15.05
CA GLY B 2 -20.72 36.61 -14.73
C GLY B 2 -19.62 37.10 -13.81
N TYR B 3 -18.63 36.26 -13.53
CA TYR B 3 -17.58 36.61 -12.59
C TYR B 3 -16.23 36.83 -13.25
N THR B 4 -15.35 37.57 -12.55
CA THR B 4 -13.92 37.57 -12.81
C THR B 4 -13.25 36.56 -11.90
N VAL B 5 -12.64 35.53 -12.49
CA VAL B 5 -12.05 34.44 -11.72
C VAL B 5 -10.53 34.43 -11.89
N ALA B 6 -9.82 34.43 -10.78
CA ALA B 6 -8.36 34.30 -10.84
C ALA B 6 -7.91 32.92 -10.34
N VAL B 7 -7.01 32.29 -11.10
CA VAL B 7 -6.36 31.06 -10.66
C VAL B 7 -4.92 31.39 -10.23
N VAL B 8 -4.66 31.31 -8.94
CA VAL B 8 -3.31 31.53 -8.39
C VAL B 8 -2.61 30.17 -8.32
N GLY B 9 -1.53 30.05 -9.09
CA GLY B 9 -0.83 28.77 -9.28
C GLY B 9 -1.32 28.04 -10.50
N ALA B 10 -1.63 28.80 -11.56
CA ALA B 10 -2.23 28.25 -12.78
C ALA B 10 -1.32 27.29 -13.53
N THR B 11 -0.01 27.44 -13.30
CA THR B 11 1.01 26.69 -14.03
C THR B 11 1.38 25.32 -13.41
N GLY B 12 0.91 25.03 -12.19
CA GLY B 12 1.27 23.79 -11.50
C GLY B 12 0.38 22.59 -11.86
N ALA B 13 0.61 21.45 -11.19
CA ALA B 13 -0.17 20.23 -11.44
C ALA B 13 -1.65 20.43 -11.11
N VAL B 14 -1.91 21.01 -9.93
CA VAL B 14 -3.29 21.32 -9.50
C VAL B 14 -3.87 22.43 -10.37
N GLY B 15 -3.09 23.49 -10.60
CA GLY B 15 -3.53 24.61 -11.45
C GLY B 15 -3.98 24.19 -12.84
N ALA B 16 -3.25 23.29 -13.50
CA ALA B 16 -3.68 22.79 -14.81
C ALA B 16 -5.06 22.13 -14.73
N GLN B 17 -5.34 21.40 -13.65
CA GLN B 17 -6.66 20.78 -13.47
C GLN B 17 -7.73 21.79 -13.06
N MET B 18 -7.32 22.85 -12.37
CA MET B 18 -8.22 23.93 -12.00
C MET B 18 -8.72 24.59 -13.28
N ILE B 19 -7.80 24.84 -14.21
CA ILE B 19 -8.16 25.36 -15.53
C ILE B 19 -9.18 24.45 -16.24
N LYS B 20 -8.86 23.16 -16.33
CA LYS B 20 -9.73 22.16 -16.95
C LYS B 20 -11.11 22.16 -16.30
N MET B 21 -11.13 22.11 -14.96
CA MET B 21 -12.43 22.08 -14.24
C MET B 21 -13.21 23.37 -14.46
N LEU B 22 -12.52 24.51 -14.49
CA LEU B 22 -13.19 25.79 -14.77
C LEU B 22 -13.76 25.87 -16.18
N GLU B 23 -12.98 25.38 -17.16
CA GLU B 23 -13.44 25.34 -18.56
C GLU B 23 -14.72 24.51 -18.70
N GLU B 24 -14.86 23.49 -17.84
CA GLU B 24 -15.99 22.55 -17.90
C GLU B 24 -17.08 22.88 -16.88
N SER B 25 -16.94 24.04 -16.21
CA SER B 25 -17.77 24.41 -15.06
CA SER B 25 -17.79 24.38 -15.07
C SER B 25 -19.09 25.07 -15.48
N THR B 26 -20.04 25.08 -14.56
CA THR B 26 -21.28 25.83 -14.74
C THR B 26 -21.20 27.26 -14.18
N LEU B 27 -20.02 27.65 -13.70
CA LEU B 27 -19.77 29.03 -13.25
C LEU B 27 -19.81 30.00 -14.45
N PRO B 28 -20.62 31.08 -14.35
CA PRO B 28 -20.61 32.08 -15.44
C PRO B 28 -19.35 32.95 -15.34
N ILE B 29 -18.39 32.74 -16.24
CA ILE B 29 -17.09 33.41 -16.17
C ILE B 29 -17.00 34.48 -17.25
N ASP B 30 -17.02 35.75 -16.84
CA ASP B 30 -16.82 36.86 -17.78
C ASP B 30 -15.34 37.04 -18.12
N LYS B 31 -14.49 36.87 -17.12
CA LYS B 31 -13.05 37.11 -17.26
C LYS B 31 -12.26 36.11 -16.43
N ILE B 32 -11.24 35.52 -17.06
CA ILE B 32 -10.34 34.60 -16.37
C ILE B 32 -8.93 35.22 -16.30
N ARG B 33 -8.27 35.08 -15.16
CA ARG B 33 -6.90 35.54 -14.99
C ARG B 33 -6.05 34.42 -14.40
N TYR B 34 -4.81 34.29 -14.92
CA TYR B 34 -3.88 33.28 -14.47
C TYR B 34 -2.70 33.91 -13.75
N LEU B 35 -2.51 33.55 -12.47
CA LEU B 35 -1.43 34.10 -11.65
C LEU B 35 -0.48 32.99 -11.17
N ALA B 36 0.82 33.28 -11.17
CA ALA B 36 1.85 32.34 -10.69
C ALA B 36 3.02 33.17 -10.13
N SER B 37 4.24 32.63 -10.16
CA SER B 37 5.40 33.39 -9.66
C SER B 37 5.96 34.32 -10.73
N ALA B 38 6.89 35.19 -10.32
CA ALA B 38 7.55 36.11 -11.24
C ALA B 38 8.18 35.41 -12.47
N ARG B 39 8.62 34.17 -12.28
CA ARG B 39 9.29 33.45 -13.38
C ARG B 39 8.37 32.80 -14.41
N SER B 40 7.08 32.69 -14.09
CA SER B 40 6.08 32.26 -15.09
C SER B 40 5.38 33.44 -15.76
N ALA B 41 5.48 34.63 -15.14
CA ALA B 41 4.80 35.83 -15.62
C ALA B 41 5.25 36.23 -17.03
N GLY B 42 4.28 36.51 -17.88
CA GLY B 42 4.55 36.89 -19.27
C GLY B 42 4.39 35.74 -20.24
N LYS B 43 4.43 34.51 -19.73
CA LYS B 43 4.16 33.34 -20.56
C LYS B 43 2.65 33.24 -20.88
N SER B 44 2.28 32.38 -21.82
CA SER B 44 0.88 32.27 -22.23
C SER B 44 0.30 30.88 -21.96
N LEU B 45 -0.98 30.85 -21.59
CA LEU B 45 -1.70 29.62 -21.30
C LEU B 45 -3.12 29.73 -21.82
N LYS B 46 -3.71 28.62 -22.25
CA LYS B 46 -5.07 28.61 -22.81
C LYS B 46 -6.17 28.56 -21.75
N PHE B 47 -7.25 29.31 -21.98
CA PHE B 47 -8.56 29.03 -21.38
C PHE B 47 -9.48 28.80 -22.55
N LYS B 48 -9.89 27.54 -22.74
CA LYS B 48 -10.56 27.08 -23.96
C LYS B 48 -9.71 27.46 -25.17
N ASP B 49 -10.20 28.40 -25.98
CA ASP B 49 -9.51 28.78 -27.22
C ASP B 49 -8.73 30.09 -27.11
N GLN B 50 -8.91 30.81 -26.01
CA GLN B 50 -8.25 32.11 -25.86
C GLN B 50 -6.97 32.02 -25.04
N ASP B 51 -5.96 32.75 -25.49
CA ASP B 51 -4.66 32.80 -24.81
C ASP B 51 -4.70 33.79 -23.66
N ILE B 52 -4.25 33.34 -22.49
CA ILE B 52 -4.25 34.14 -21.29
C ILE B 52 -2.82 34.36 -20.82
N THR B 53 -2.48 35.61 -20.54
CA THR B 53 -1.16 35.96 -20.06
C THR B 53 -1.05 35.71 -18.57
N ILE B 54 -0.03 34.94 -18.19
CA ILE B 54 0.24 34.67 -16.79
C ILE B 54 0.82 35.93 -16.14
N GLU B 55 0.27 36.30 -14.99
CA GLU B 55 0.73 37.45 -14.24
C GLU B 55 1.39 37.02 -12.94
N GLU B 56 2.35 37.82 -12.49
CA GLU B 56 2.97 37.64 -11.19
C GLU B 56 1.97 37.97 -10.08
N THR B 57 1.89 37.07 -9.08
CA THR B 57 1.05 37.28 -7.91
C THR B 57 1.66 38.34 -6.98
N THR B 58 0.91 39.41 -6.72
CA THR B 58 1.38 40.54 -5.93
C THR B 58 0.28 41.01 -4.96
N GLU B 59 0.63 41.94 -4.07
CA GLU B 59 -0.33 42.50 -3.10
C GLU B 59 -1.52 43.23 -3.73
N THR B 60 -1.33 43.75 -4.94
CA THR B 60 -2.34 44.60 -5.59
C THR B 60 -2.96 43.96 -6.83
N ALA B 61 -2.53 42.74 -7.15
CA ALA B 61 -2.98 42.03 -8.36
C ALA B 61 -4.46 41.61 -8.32
N PHE B 62 -5.09 41.75 -7.16
CA PHE B 62 -6.42 41.17 -6.92
C PHE B 62 -7.58 42.14 -7.10
N GLU B 63 -7.29 43.31 -7.68
CA GLU B 63 -8.31 44.32 -7.98
C GLU B 63 -9.22 43.82 -9.09
N GLY B 64 -10.52 43.93 -8.88
CA GLY B 64 -11.51 43.54 -9.89
C GLY B 64 -11.95 42.08 -9.81
N VAL B 65 -11.25 41.27 -9.03
CA VAL B 65 -11.52 39.82 -8.97
C VAL B 65 -12.68 39.47 -8.04
N ASP B 66 -13.58 38.62 -8.51
CA ASP B 66 -14.72 38.16 -7.70
C ASP B 66 -14.34 36.92 -6.89
N ILE B 67 -13.73 35.95 -7.58
CA ILE B 67 -13.31 34.66 -7.00
C ILE B 67 -11.85 34.34 -7.33
N ALA B 68 -11.08 34.01 -6.29
CA ALA B 68 -9.70 33.52 -6.47
C ALA B 68 -9.56 32.10 -5.96
N LEU B 69 -9.08 31.21 -6.82
CA LEU B 69 -8.77 29.85 -6.43
C LEU B 69 -7.23 29.76 -6.23
N PHE B 70 -6.80 29.46 -5.01
CA PHE B 70 -5.36 29.40 -4.67
C PHE B 70 -4.87 27.96 -4.65
N SER B 71 -3.93 27.64 -5.53
CA SER B 71 -3.29 26.34 -5.50
C SER B 71 -1.80 26.51 -5.78
N ALA B 72 -1.17 27.38 -4.98
CA ALA B 72 0.25 27.72 -5.12
C ALA B 72 1.10 27.44 -3.87
N GLY B 73 0.62 26.56 -3.00
CA GLY B 73 1.34 26.22 -1.76
C GLY B 73 0.99 27.13 -0.60
N SER B 74 1.11 26.61 0.62
CA SER B 74 0.75 27.37 1.84
C SER B 74 1.38 28.76 1.93
N SER B 75 2.66 28.89 1.58
CA SER B 75 3.36 30.16 1.76
C SER B 75 2.75 31.27 0.91
N THR B 76 2.40 30.94 -0.34
CA THR B 76 1.69 31.88 -1.22
C THR B 76 0.32 32.30 -0.66
N SER B 77 -0.47 31.33 -0.19
CA SER B 77 -1.77 31.63 0.43
C SER B 77 -1.63 32.50 1.69
N ALA B 78 -0.71 32.11 2.57
CA ALA B 78 -0.38 32.91 3.76
C ALA B 78 -0.11 34.35 3.37
N LYS B 79 0.75 34.53 2.37
CA LYS B 79 1.16 35.86 1.92
C LYS B 79 0.07 36.68 1.26
N TYR B 80 -0.60 36.11 0.25
CA TYR B 80 -1.45 36.92 -0.62
C TYR B 80 -2.95 36.81 -0.35
N ALA B 81 -3.43 35.69 0.19
CA ALA B 81 -4.87 35.54 0.43
C ALA B 81 -5.49 36.63 1.33
N PRO B 82 -4.79 37.02 2.42
CA PRO B 82 -5.33 38.15 3.20
C PRO B 82 -5.51 39.43 2.38
N TYR B 83 -4.59 39.70 1.45
CA TYR B 83 -4.73 40.88 0.59
C TYR B 83 -5.91 40.78 -0.39
N ALA B 84 -6.13 39.59 -0.96
CA ALA B 84 -7.32 39.35 -1.80
C ALA B 84 -8.63 39.55 -1.03
N VAL B 85 -8.72 39.02 0.18
CA VAL B 85 -9.92 39.18 1.03
C VAL B 85 -10.22 40.67 1.26
N LYS B 86 -9.17 41.40 1.66
CA LYS B 86 -9.19 42.87 1.80
C LYS B 86 -9.75 43.57 0.57
N ALA B 87 -9.28 43.18 -0.62
CA ALA B 87 -9.77 43.71 -1.89
C ALA B 87 -11.19 43.22 -2.25
N GLY B 88 -11.82 42.47 -1.34
CA GLY B 88 -13.21 42.02 -1.52
C GLY B 88 -13.41 40.73 -2.31
N VAL B 89 -12.32 40.03 -2.61
CA VAL B 89 -12.35 38.74 -3.32
C VAL B 89 -12.82 37.63 -2.36
N VAL B 90 -13.60 36.68 -2.86
CA VAL B 90 -13.83 35.44 -2.13
C VAL B 90 -12.77 34.44 -2.54
N VAL B 91 -12.04 33.95 -1.55
CA VAL B 91 -10.89 33.07 -1.79
C VAL B 91 -11.32 31.63 -1.52
N VAL B 92 -11.05 30.75 -2.47
CA VAL B 92 -11.15 29.31 -2.21
C VAL B 92 -9.71 28.79 -2.22
N ASP B 93 -9.25 28.32 -1.06
CA ASP B 93 -7.85 27.97 -0.85
C ASP B 93 -7.63 26.45 -0.75
N ASN B 94 -6.79 25.93 -1.64
CA ASN B 94 -6.48 24.50 -1.69
C ASN B 94 -5.44 24.05 -0.66
N THR B 95 -4.75 24.99 -0.03
CA THR B 95 -3.59 24.67 0.83
C THR B 95 -4.03 24.34 2.26
N SER B 96 -3.07 23.91 3.09
CA SER B 96 -3.35 23.58 4.47
C SER B 96 -3.41 24.81 5.38
N TYR B 97 -2.93 25.95 4.90
CA TYR B 97 -2.68 27.11 5.77
C TYR B 97 -3.88 27.57 6.61
N PHE B 98 -5.06 27.68 5.99
CA PHE B 98 -6.24 28.18 6.70
C PHE B 98 -7.20 27.10 7.23
N ARG B 99 -6.89 25.82 6.98
CA ARG B 99 -7.86 24.75 7.23
C ARG B 99 -8.35 24.64 8.68
N GLN B 100 -7.48 24.97 9.64
CA GLN B 100 -7.85 24.85 11.06
C GLN B 100 -8.14 26.20 11.71
N ASN B 101 -8.28 27.23 10.88
CA ASN B 101 -8.75 28.52 11.34
C ASN B 101 -10.24 28.45 11.68
N PRO B 102 -10.62 28.76 12.95
CA PRO B 102 -12.03 28.60 13.33
C PRO B 102 -13.02 29.52 12.59
N ASP B 103 -12.51 30.55 11.90
CA ASP B 103 -13.34 31.42 11.07
C ASP B 103 -13.37 31.05 9.59
N VAL B 104 -12.79 29.90 9.24
CA VAL B 104 -12.70 29.47 7.85
C VAL B 104 -13.38 28.11 7.67
N PRO B 105 -14.47 28.07 6.88
CA PRO B 105 -15.14 26.82 6.56
C PRO B 105 -14.18 25.90 5.80
N LEU B 106 -14.24 24.61 6.14
CA LEU B 106 -13.40 23.56 5.53
C LEU B 106 -14.38 22.61 4.89
N VAL B 107 -14.51 22.70 3.56
CA VAL B 107 -15.70 22.15 2.90
C VAL B 107 -15.48 21.09 1.82
N VAL B 108 -16.28 20.02 1.95
CA VAL B 108 -16.54 19.05 0.90
C VAL B 108 -18.02 19.24 0.61
N PRO B 109 -18.36 19.82 -0.56
CA PRO B 109 -19.78 20.17 -0.79
C PRO B 109 -20.81 19.06 -0.53
N GLU B 110 -20.50 17.78 -0.80
CA GLU B 110 -21.50 16.71 -0.58
C GLU B 110 -21.78 16.45 0.89
N VAL B 111 -20.87 16.90 1.74
CA VAL B 111 -20.86 16.58 3.16
C VAL B 111 -21.30 17.75 4.02
N ASN B 112 -20.71 18.92 3.82
CA ASN B 112 -20.94 20.05 4.73
C ASN B 112 -21.05 21.39 4.01
N ALA B 113 -21.76 21.40 2.86
CA ALA B 113 -21.96 22.64 2.12
C ALA B 113 -22.51 23.77 3.01
N HIS B 114 -23.31 23.41 4.01
CA HIS B 114 -23.92 24.42 4.91
C HIS B 114 -22.88 25.33 5.57
N ALA B 115 -21.70 24.78 5.85
CA ALA B 115 -20.64 25.56 6.48
C ALA B 115 -20.21 26.76 5.62
N LEU B 116 -20.50 26.74 4.32
CA LEU B 116 -20.17 27.86 3.42
C LEU B 116 -20.94 29.15 3.79
N ASP B 117 -22.08 28.99 4.44
CA ASP B 117 -22.93 30.15 4.80
C ASP B 117 -22.22 31.06 5.80
N ALA B 118 -21.30 30.49 6.58
CA ALA B 118 -20.60 31.20 7.65
C ALA B 118 -19.28 31.82 7.19
N HIS B 119 -18.99 31.80 5.89
CA HIS B 119 -17.68 32.28 5.42
C HIS B 119 -17.48 33.78 5.62
N ASN B 120 -16.22 34.15 5.83
CA ASN B 120 -15.80 35.53 6.02
C ASN B 120 -14.78 35.90 4.96
N GLY B 121 -14.95 35.37 3.75
CA GLY B 121 -14.08 35.69 2.64
C GLY B 121 -13.09 34.59 2.21
N ILE B 122 -12.84 33.63 3.10
CA ILE B 122 -11.97 32.48 2.78
C ILE B 122 -12.66 31.15 3.05
N ILE B 123 -12.58 30.25 2.09
CA ILE B 123 -13.08 28.90 2.27
C ILE B 123 -11.92 27.97 1.93
N ALA B 124 -11.66 27.01 2.81
CA ALA B 124 -10.57 26.06 2.57
C ALA B 124 -11.07 24.76 1.94
N CYS B 125 -10.32 24.26 0.96
CA CYS B 125 -10.54 22.90 0.44
C CYS B 125 -9.69 21.97 1.29
N PRO B 126 -10.22 20.80 1.69
CA PRO B 126 -9.40 19.89 2.54
C PRO B 126 -8.30 19.19 1.75
N ASN B 127 -7.48 18.45 2.49
CA ASN B 127 -6.45 17.61 1.90
C ASN B 127 -7.05 16.54 0.96
N CYS B 128 -6.37 16.24 -0.16
CA CYS B 128 -6.85 15.23 -1.14
C CYS B 128 -7.29 13.87 -0.54
N SER B 129 -6.44 13.32 0.31
CA SER B 129 -6.74 12.02 0.94
CA SER B 129 -6.74 12.03 0.92
C SER B 129 -7.95 12.11 1.85
N THR B 130 -8.14 13.27 2.47
CA THR B 130 -9.25 13.44 3.40
C THR B 130 -10.55 13.49 2.61
N ILE B 131 -10.54 14.23 1.51
CA ILE B 131 -11.77 14.45 0.74
C ILE B 131 -12.42 13.15 0.31
N GLN B 132 -11.66 12.26 -0.33
CA GLN B 132 -12.26 11.02 -0.82
C GLN B 132 -12.75 10.14 0.33
N MET B 133 -12.03 10.19 1.45
CA MET B 133 -12.46 9.42 2.63
C MET B 133 -13.80 9.95 3.16
N MET B 134 -13.95 11.27 3.19
CA MET B 134 -15.20 11.93 3.66
C MET B 134 -16.41 11.60 2.76
N VAL B 135 -16.19 11.57 1.44
CA VAL B 135 -17.22 11.17 0.48
C VAL B 135 -17.68 9.73 0.70
N ALA B 136 -16.72 8.82 0.93
CA ALA B 136 -17.07 7.43 1.20
C ALA B 136 -17.79 7.22 2.53
N LEU B 137 -17.37 7.94 3.56
CA LEU B 137 -17.79 7.61 4.94
C LEU B 137 -19.00 8.39 5.44
N GLU B 138 -19.26 9.55 4.87
CA GLU B 138 -20.40 10.36 5.31
C GLU B 138 -21.75 9.61 5.25
N PRO B 139 -22.06 8.92 4.11
CA PRO B 139 -23.32 8.16 4.07
C PRO B 139 -23.43 7.10 5.17
N VAL B 140 -22.31 6.52 5.58
CA VAL B 140 -22.31 5.58 6.71
C VAL B 140 -22.51 6.33 8.05
N ARG B 141 -21.81 7.44 8.23
CA ARG B 141 -21.91 8.23 9.46
C ARG B 141 -23.36 8.66 9.69
N GLN B 142 -24.04 9.07 8.61
CA GLN B 142 -25.44 9.53 8.68
C GLN B 142 -26.40 8.48 9.22
N LYS B 143 -26.18 7.22 8.87
CA LYS B 143 -27.12 6.16 9.25
C LYS B 143 -26.71 5.41 10.52
N TRP B 144 -25.42 5.10 10.67
CA TRP B 144 -25.00 4.24 11.78
C TRP B 144 -23.95 4.84 12.69
N GLY B 145 -23.55 6.08 12.39
CA GLY B 145 -22.54 6.79 13.17
C GLY B 145 -21.13 6.29 12.90
N LEU B 146 -20.16 7.05 13.37
CA LEU B 146 -18.75 6.64 13.29
C LEU B 146 -18.11 6.82 14.65
N ASP B 147 -17.54 5.72 15.16
CA ASP B 147 -16.79 5.76 16.39
C ASP B 147 -15.30 5.99 16.16
N ARG B 148 -14.73 5.25 15.22
CA ARG B 148 -13.32 5.45 14.91
C ARG B 148 -13.02 5.09 13.44
N ILE B 149 -11.90 5.63 12.96
CA ILE B 149 -11.35 5.36 11.63
C ILE B 149 -9.86 5.05 11.77
N ILE B 150 -9.41 4.01 11.06
CA ILE B 150 -7.99 3.75 10.91
C ILE B 150 -7.80 3.61 9.39
N VAL B 151 -6.87 4.37 8.84
CA VAL B 151 -6.67 4.42 7.37
C VAL B 151 -5.20 4.29 7.00
N SER B 152 -4.91 3.48 5.97
CA SER B 152 -3.58 3.40 5.37
C SER B 152 -3.73 3.83 3.92
N THR B 153 -2.97 4.84 3.50
CA THR B 153 -3.16 5.38 2.14
C THR B 153 -2.09 4.85 1.17
N TYR B 154 -2.41 4.96 -0.12
CA TYR B 154 -1.55 4.48 -1.21
C TYR B 154 -1.59 5.66 -2.15
N GLN B 155 -0.74 6.66 -1.89
CA GLN B 155 -0.89 7.94 -2.57
C GLN B 155 -0.02 8.10 -3.80
N ALA B 156 -0.64 8.69 -4.83
CA ALA B 156 0.01 9.02 -6.10
C ALA B 156 0.96 10.21 -5.96
N VAL B 157 1.97 10.26 -6.83
CA VAL B 157 3.00 11.30 -6.77
C VAL B 157 2.54 12.68 -7.23
N SER B 158 1.46 12.77 -8.00
CA SER B 158 1.05 14.10 -8.49
C SER B 158 0.63 15.01 -7.36
N GLY B 159 0.26 14.43 -6.20
CA GLY B 159 -0.03 15.20 -5.01
C GLY B 159 1.15 16.04 -4.55
N ALA B 160 2.36 15.66 -4.95
CA ALA B 160 3.58 16.39 -4.58
C ALA B 160 4.04 17.39 -5.66
N GLY B 161 3.25 17.50 -6.73
CA GLY B 161 3.43 18.54 -7.73
C GLY B 161 4.05 18.03 -9.02
N MET B 162 4.13 18.93 -10.01
CA MET B 162 4.65 18.57 -11.33
C MET B 162 6.07 18.00 -11.25
N GLY B 163 6.93 18.58 -10.40
CA GLY B 163 8.31 18.10 -10.24
C GLY B 163 8.36 16.62 -9.88
N ALA B 164 7.52 16.23 -8.90
CA ALA B 164 7.44 14.83 -8.42
C ALA B 164 7.00 13.86 -9.50
N ILE B 165 6.07 14.27 -10.35
CA ILE B 165 5.66 13.42 -11.45
C ILE B 165 6.87 13.17 -12.35
N LEU B 166 7.56 14.24 -12.70
CA LEU B 166 8.71 14.11 -13.62
C LEU B 166 9.84 13.30 -13.00
N GLU B 167 10.11 13.54 -11.73
CA GLU B 167 11.15 12.77 -11.01
C GLU B 167 10.81 11.26 -11.03
N THR B 168 9.54 10.92 -10.80
CA THR B 168 9.10 9.51 -10.79
C THR B 168 9.32 8.85 -12.15
N GLN B 169 8.92 9.53 -13.21
CA GLN B 169 9.10 8.98 -14.56
C GLN B 169 10.57 8.79 -14.92
N ARG B 170 11.39 9.79 -14.62
CA ARG B 170 12.84 9.68 -14.91
C ARG B 170 13.47 8.52 -14.14
N GLU B 171 13.17 8.41 -12.84
CA GLU B 171 13.69 7.31 -12.02
C GLU B 171 13.30 5.95 -12.63
N LEU B 172 12.02 5.76 -12.96
CA LEU B 172 11.58 4.47 -13.50
C LEU B 172 12.31 4.13 -14.82
N ARG B 173 12.50 5.12 -15.68
CA ARG B 173 13.23 4.89 -16.92
CA ARG B 173 13.24 4.91 -16.93
C ARG B 173 14.68 4.52 -16.65
N GLU B 174 15.30 5.16 -15.67
CA GLU B 174 16.69 4.78 -15.32
C GLU B 174 16.84 3.31 -14.92
N VAL B 175 15.87 2.84 -14.13
CA VAL B 175 15.86 1.45 -13.71
C VAL B 175 15.61 0.49 -14.90
N LEU B 176 14.59 0.77 -15.69
CA LEU B 176 14.09 -0.18 -16.67
C LEU B 176 14.91 -0.15 -17.96
N ASN B 177 15.43 1.03 -18.29
CA ASN B 177 16.16 1.24 -19.53
C ASN B 177 17.68 1.17 -19.35
N ASP B 178 18.18 1.69 -18.23
CA ASP B 178 19.63 1.72 -17.97
C ASP B 178 20.13 0.66 -16.99
N GLY B 179 19.20 -0.03 -16.32
CA GLY B 179 19.58 -1.06 -15.35
C GLY B 179 20.11 -0.55 -14.03
N VAL B 180 19.78 0.70 -13.66
CA VAL B 180 20.18 1.26 -12.37
C VAL B 180 19.38 0.59 -11.24
N LYS B 181 20.05 0.18 -10.17
CA LYS B 181 19.31 -0.36 -9.01
C LYS B 181 18.52 0.75 -8.34
N PRO B 182 17.28 0.46 -7.93
CA PRO B 182 16.47 1.51 -7.30
C PRO B 182 17.17 2.23 -6.14
N CYS B 183 17.83 1.49 -5.25
CA CYS B 183 18.53 2.10 -4.10
C CYS B 183 19.70 3.03 -4.50
N ASP B 184 20.13 2.97 -5.76
CA ASP B 184 21.20 3.84 -6.29
C ASP B 184 20.72 5.12 -6.98
N LEU B 185 19.41 5.27 -7.10
CA LEU B 185 18.84 6.43 -7.82
C LEU B 185 19.04 7.73 -7.08
N HIS B 186 19.21 8.82 -7.83
CA HIS B 186 19.26 10.15 -7.25
C HIS B 186 17.87 10.77 -7.27
N ALA B 187 17.49 11.36 -6.15
CA ALA B 187 16.19 11.98 -5.96
C ALA B 187 16.39 13.37 -5.37
N GLU B 188 15.51 14.30 -5.75
CA GLU B 188 15.59 15.68 -5.28
C GLU B 188 14.31 16.21 -4.62
N ILE B 189 13.19 15.51 -4.82
CA ILE B 189 11.90 16.03 -4.34
C ILE B 189 11.27 15.11 -3.31
N LEU B 190 10.90 13.90 -3.71
CA LEU B 190 10.20 13.02 -2.78
C LEU B 190 11.14 12.52 -1.66
N PRO B 191 10.60 12.16 -0.46
CA PRO B 191 9.17 12.14 -0.10
C PRO B 191 8.55 13.54 0.06
N SER B 192 9.33 14.52 0.50
CA SER B 192 8.82 15.87 0.74
C SER B 192 9.81 16.95 0.29
N GLY B 193 9.35 17.79 -0.63
CA GLY B 193 10.16 18.88 -1.20
C GLY B 193 10.75 19.75 -0.10
N GLY B 194 10.02 19.88 1.00
CA GLY B 194 10.44 20.74 2.10
C GLY B 194 11.16 20.05 3.26
N ASP B 195 11.53 18.78 3.07
CA ASP B 195 12.32 18.10 4.11
C ASP B 195 13.76 17.95 3.66
N LYS B 196 14.65 17.52 4.57
CA LYS B 196 16.09 17.54 4.33
C LYS B 196 16.62 16.47 3.38
N LYS B 197 16.07 15.25 3.48
CA LYS B 197 16.59 14.10 2.73
C LYS B 197 15.57 13.66 1.68
N HIS B 198 16.07 13.22 0.53
CA HIS B 198 15.20 12.82 -0.56
C HIS B 198 15.50 11.39 -0.99
N TYR B 199 14.44 10.64 -1.28
CA TYR B 199 14.56 9.21 -1.57
C TYR B 199 13.84 8.84 -2.86
N PRO B 200 14.35 7.82 -3.58
CA PRO B 200 13.66 7.36 -4.77
C PRO B 200 12.26 6.78 -4.45
N ILE B 201 11.32 6.98 -5.38
CA ILE B 201 9.97 6.41 -5.29
C ILE B 201 9.82 5.22 -6.24
N ALA B 202 10.68 5.14 -7.25
CA ALA B 202 10.64 4.06 -8.22
C ALA B 202 10.77 2.71 -7.53
N PHE B 203 9.81 1.83 -7.78
CA PHE B 203 9.78 0.49 -7.16
C PHE B 203 9.85 0.54 -5.63
N ASN B 204 9.25 1.58 -5.02
CA ASN B 204 9.40 1.80 -3.59
C ASN B 204 8.06 2.15 -3.00
N ALA B 205 7.99 2.16 -1.67
CA ALA B 205 6.83 2.71 -1.01
C ALA B 205 7.35 3.52 0.15
N LEU B 206 7.10 4.83 0.10
CA LEU B 206 7.70 5.77 1.07
C LEU B 206 6.67 6.12 2.14
N PRO B 207 6.88 5.67 3.40
CA PRO B 207 5.92 5.92 4.49
C PRO B 207 6.09 7.35 5.08
N GLN B 208 6.23 8.32 4.19
CA GLN B 208 6.30 9.74 4.58
C GLN B 208 5.64 10.61 3.53
N ILE B 209 4.63 11.36 3.96
CA ILE B 209 4.08 12.43 3.15
C ILE B 209 4.00 13.68 4.03
N ASP B 210 4.49 14.79 3.49
CA ASP B 210 4.76 16.02 4.25
C ASP B 210 5.86 15.74 5.27
N VAL B 211 6.05 16.64 6.24
CA VAL B 211 7.09 16.48 7.24
C VAL B 211 6.55 15.92 8.54
N PHE B 212 7.44 15.52 9.43
CA PHE B 212 7.02 14.96 10.69
C PHE B 212 6.60 16.04 11.70
N THR B 213 5.56 15.74 12.47
CA THR B 213 5.20 16.53 13.65
C THR B 213 5.83 15.94 14.91
N ASP B 214 5.64 16.63 16.04
CA ASP B 214 6.21 16.22 17.33
C ASP B 214 5.68 14.87 17.89
N ASN B 215 4.53 14.39 17.42
CA ASN B 215 3.99 13.13 17.92
C ASN B 215 4.35 11.92 17.02
N ASP B 216 5.24 12.17 16.06
CA ASP B 216 5.80 11.14 15.14
C ASP B 216 4.84 10.69 14.03
N TYR B 217 3.65 11.28 13.98
CA TYR B 217 2.84 11.23 12.76
C TYR B 217 3.29 12.37 11.86
N THR B 218 3.13 12.20 10.55
CA THR B 218 3.46 13.28 9.63
C THR B 218 2.33 14.30 9.62
N TYR B 219 2.60 15.50 9.08
CA TYR B 219 1.51 16.48 8.88
C TYR B 219 0.37 15.92 8.02
N GLU B 220 0.71 15.11 7.02
CA GLU B 220 -0.32 14.51 6.18
C GLU B 220 -1.27 13.66 7.02
N GLU B 221 -0.70 12.81 7.87
CA GLU B 221 -1.50 11.95 8.74
C GLU B 221 -2.39 12.80 9.69
N MET B 222 -1.80 13.86 10.22
CA MET B 222 -2.50 14.69 11.19
C MET B 222 -3.58 15.53 10.52
N LYS B 223 -3.35 15.92 9.26
CA LYS B 223 -4.42 16.57 8.47
C LYS B 223 -5.63 15.67 8.34
N MET B 224 -5.42 14.39 8.02
CA MET B 224 -6.55 13.46 7.90
C MET B 224 -7.31 13.40 9.23
N THR B 225 -6.58 13.35 10.33
CA THR B 225 -7.21 13.33 11.65
C THR B 225 -8.01 14.62 11.94
N LYS B 226 -7.34 15.76 11.87
CA LYS B 226 -7.97 17.03 12.26
C LYS B 226 -9.06 17.46 11.27
N GLU B 227 -8.80 17.28 9.99
CA GLU B 227 -9.77 17.69 8.97
C GLU B 227 -11.06 16.86 9.01
N THR B 228 -10.94 15.55 9.28
CA THR B 228 -12.10 14.68 9.47
C THR B 228 -13.02 15.23 10.57
N LYS B 229 -12.44 15.55 11.72
CA LYS B 229 -13.21 16.03 12.87
C LYS B 229 -13.93 17.33 12.55
N LYS B 230 -13.25 18.23 11.86
CA LYS B 230 -13.84 19.52 11.47
C LYS B 230 -14.96 19.38 10.44
N ILE B 231 -14.71 18.60 9.39
CA ILE B 231 -15.68 18.43 8.28
C ILE B 231 -16.95 17.72 8.76
N MET B 232 -16.77 16.66 9.54
CA MET B 232 -17.90 15.92 10.08
C MET B 232 -18.46 16.55 11.37
N GLU B 233 -17.82 17.64 11.81
CA GLU B 233 -18.27 18.41 12.99
C GLU B 233 -18.49 17.54 14.22
N ASP B 234 -17.49 16.70 14.50
CA ASP B 234 -17.55 15.77 15.61
C ASP B 234 -16.13 15.40 16.05
N ASP B 235 -15.69 15.98 17.16
CA ASP B 235 -14.35 15.75 17.71
C ASP B 235 -14.21 14.37 18.37
N SER B 236 -15.32 13.66 18.52
CA SER B 236 -15.29 12.39 19.22
C SER B 236 -14.93 11.23 18.28
N ILE B 237 -14.88 11.49 16.98
CA ILE B 237 -14.48 10.46 16.01
C ILE B 237 -12.98 10.30 16.12
N ALA B 238 -12.55 9.11 16.56
CA ALA B 238 -11.14 8.80 16.69
C ALA B 238 -10.59 8.52 15.29
N VAL B 239 -9.50 9.18 14.91
CA VAL B 239 -8.90 8.96 13.59
C VAL B 239 -7.37 8.85 13.65
N SER B 240 -6.83 7.73 13.18
CA SER B 240 -5.37 7.58 13.06
C SER B 240 -5.00 7.09 11.65
N ALA B 241 -3.97 7.69 11.08
CA ALA B 241 -3.60 7.45 9.67
C ALA B 241 -2.14 7.10 9.51
N THR B 242 -1.86 6.32 8.44
CA THR B 242 -0.50 6.09 7.93
C THR B 242 -0.57 6.46 6.46
N CYS B 243 0.24 7.44 6.06
CA CYS B 243 0.18 7.94 4.69
C CYS B 243 1.44 7.55 3.93
N VAL B 244 1.25 6.83 2.81
CA VAL B 244 2.38 6.23 2.09
C VAL B 244 2.32 6.67 0.63
N ARG B 245 3.47 7.06 0.08
CA ARG B 245 3.55 7.40 -1.35
C ARG B 245 3.95 6.11 -2.09
N ILE B 246 3.26 5.83 -3.21
CA ILE B 246 3.62 4.68 -4.05
C ILE B 246 3.81 5.16 -5.50
N PRO B 247 4.34 4.29 -6.39
CA PRO B 247 4.66 4.68 -7.79
C PRO B 247 3.44 4.66 -8.69
N VAL B 248 2.50 5.55 -8.38
CA VAL B 248 1.28 5.78 -9.17
C VAL B 248 1.34 7.28 -9.50
N LEU B 249 1.02 7.68 -10.73
CA LEU B 249 1.14 9.12 -11.07
C LEU B 249 -0.06 9.92 -10.61
N SER B 250 -1.25 9.39 -10.88
CA SER B 250 -2.48 10.00 -10.41
C SER B 250 -3.44 8.98 -9.84
N ALA B 251 -4.24 9.45 -8.88
CA ALA B 251 -5.30 8.73 -8.14
C ALA B 251 -4.77 8.08 -6.86
N HIS B 252 -5.39 8.44 -5.73
CA HIS B 252 -5.02 7.94 -4.41
C HIS B 252 -5.94 6.76 -4.11
N SER B 253 -5.39 5.75 -3.44
CA SER B 253 -6.20 4.65 -2.96
C SER B 253 -6.05 4.59 -1.43
N GLU B 254 -7.09 4.12 -0.75
CA GLU B 254 -7.05 4.08 0.72
C GLU B 254 -7.69 2.81 1.20
N SER B 255 -7.00 2.13 2.10
CA SER B 255 -7.57 1.01 2.80
C SER B 255 -8.15 1.59 4.11
N VAL B 256 -9.47 1.55 4.24
CA VAL B 256 -10.16 2.28 5.31
C VAL B 256 -10.84 1.28 6.21
N TYR B 257 -10.53 1.38 7.51
CA TYR B 257 -11.24 0.61 8.51
C TYR B 257 -12.06 1.56 9.36
N ILE B 258 -13.33 1.22 9.59
CA ILE B 258 -14.15 2.02 10.50
C ILE B 258 -14.80 1.10 11.54
N GLU B 259 -15.16 1.69 12.67
CA GLU B 259 -16.15 1.11 13.56
C GLU B 259 -17.30 2.09 13.70
N THR B 260 -18.50 1.62 13.39
CA THR B 260 -19.72 2.41 13.49
C THR B 260 -20.22 2.45 14.95
N LYS B 261 -21.22 3.29 15.23
CA LYS B 261 -21.84 3.34 16.55
C LYS B 261 -22.89 2.27 16.70
N GLU B 262 -23.60 1.96 15.60
CA GLU B 262 -24.54 0.84 15.58
C GLU B 262 -24.13 -0.14 14.49
N VAL B 263 -24.41 -1.43 14.67
CA VAL B 263 -24.08 -2.42 13.66
C VAL B 263 -24.75 -2.08 12.32
N ALA B 264 -23.95 -1.97 11.26
CA ALA B 264 -24.42 -1.57 9.94
C ALA B 264 -24.32 -2.76 8.98
N PRO B 265 -25.48 -3.35 8.61
CA PRO B 265 -25.48 -4.50 7.73
C PRO B 265 -24.76 -4.17 6.41
N ILE B 266 -23.93 -5.11 5.93
CA ILE B 266 -23.04 -4.82 4.79
C ILE B 266 -23.79 -4.46 3.52
N GLU B 267 -24.89 -5.16 3.24
CA GLU B 267 -25.63 -4.83 2.01
C GLU B 267 -26.28 -3.43 2.10
N GLU B 268 -26.64 -3.02 3.30
CA GLU B 268 -27.18 -1.68 3.51
C GLU B 268 -26.08 -0.63 3.41
N VAL B 269 -24.88 -0.97 3.84
CA VAL B 269 -23.76 -0.03 3.73
C VAL B 269 -23.45 0.22 2.25
N LYS B 270 -23.41 -0.86 1.47
CA LYS B 270 -23.17 -0.78 0.05
C LYS B 270 -24.25 0.09 -0.60
N ALA B 271 -25.51 -0.11 -0.21
CA ALA B 271 -26.59 0.68 -0.81
C ALA B 271 -26.53 2.15 -0.40
N ALA B 272 -26.14 2.45 0.85
CA ALA B 272 -26.01 3.83 1.33
C ALA B 272 -24.92 4.60 0.58
N ILE B 273 -23.81 3.91 0.33
CA ILE B 273 -22.70 4.51 -0.43
C ILE B 273 -23.12 4.72 -1.90
N ALA B 274 -23.69 3.70 -2.54
CA ALA B 274 -24.27 3.86 -3.88
C ALA B 274 -25.23 5.07 -3.97
N ALA B 275 -26.09 5.25 -2.97
CA ALA B 275 -27.05 6.36 -2.95
C ALA B 275 -26.44 7.75 -2.75
N PHE B 276 -25.20 7.79 -2.27
CA PHE B 276 -24.59 9.06 -1.86
C PHE B 276 -23.97 9.78 -3.05
N PRO B 277 -24.40 11.03 -3.33
CA PRO B 277 -23.85 11.76 -4.48
C PRO B 277 -22.32 11.97 -4.38
N GLY B 278 -21.63 11.67 -5.47
CA GLY B 278 -20.18 11.77 -5.53
C GLY B 278 -19.46 10.46 -5.20
N ALA B 279 -20.19 9.50 -4.61
CA ALA B 279 -19.66 8.15 -4.34
C ALA B 279 -20.23 7.17 -5.35
N VAL B 280 -19.38 6.31 -5.91
CA VAL B 280 -19.84 5.27 -6.82
C VAL B 280 -19.42 3.93 -6.25
N LEU B 281 -20.39 3.04 -6.06
CA LEU B 281 -20.11 1.69 -5.59
C LEU B 281 -19.56 0.84 -6.73
N GLU B 282 -18.36 0.26 -6.56
CA GLU B 282 -17.81 -0.68 -7.51
C GLU B 282 -17.35 -1.87 -6.72
N ASP B 283 -18.22 -2.86 -6.60
CA ASP B 283 -17.99 -3.90 -5.59
C ASP B 283 -18.75 -5.14 -6.02
N ASP B 284 -18.05 -6.01 -6.74
CA ASP B 284 -18.60 -7.27 -7.19
C ASP B 284 -17.46 -8.25 -7.27
N VAL B 285 -17.08 -8.79 -6.10
CA VAL B 285 -15.85 -9.61 -6.07
C VAL B 285 -15.97 -10.91 -6.87
N ALA B 286 -17.19 -11.41 -7.08
CA ALA B 286 -17.39 -12.59 -7.93
C ALA B 286 -16.91 -12.34 -9.37
N HIS B 287 -16.85 -11.08 -9.80
CA HIS B 287 -16.32 -10.74 -11.12
C HIS B 287 -15.09 -9.85 -11.00
N GLN B 288 -14.44 -9.90 -9.83
CA GLN B 288 -13.19 -9.13 -9.57
C GLN B 288 -13.37 -7.62 -9.86
N ILE B 289 -14.51 -7.09 -9.42
CA ILE B 289 -14.81 -5.67 -9.58
C ILE B 289 -14.52 -4.95 -8.27
N TYR B 290 -13.61 -3.99 -8.33
CA TYR B 290 -13.23 -3.14 -7.20
C TYR B 290 -12.61 -1.86 -7.76
N PRO B 291 -12.56 -0.77 -6.97
CA PRO B 291 -11.93 0.44 -7.50
C PRO B 291 -10.44 0.23 -7.84
N GLN B 292 -9.97 0.86 -8.92
CA GLN B 292 -8.54 0.82 -9.29
C GLN B 292 -8.09 2.20 -9.71
N ALA B 293 -6.93 2.62 -9.22
CA ALA B 293 -6.35 3.92 -9.55
C ALA B 293 -6.35 4.18 -11.05
N ILE B 294 -5.91 3.21 -11.86
CA ILE B 294 -5.78 3.50 -13.29
C ILE B 294 -7.13 3.81 -13.98
N ASN B 295 -8.23 3.31 -13.41
CA ASN B 295 -9.57 3.51 -13.98
C ASN B 295 -10.23 4.79 -13.48
N ALA B 296 -9.78 5.26 -12.33
CA ALA B 296 -10.35 6.45 -11.70
C ALA B 296 -9.85 7.77 -12.28
N VAL B 297 -8.68 7.74 -12.93
CA VAL B 297 -8.04 8.97 -13.41
C VAL B 297 -8.96 9.68 -14.42
N GLY B 298 -9.23 10.96 -14.17
CA GLY B 298 -10.03 11.75 -15.10
C GLY B 298 -11.49 11.85 -14.75
N SER B 299 -11.91 11.11 -13.72
CA SER B 299 -13.30 11.16 -13.24
C SER B 299 -13.39 11.95 -11.93
N ARG B 300 -14.49 12.69 -11.76
CA ARG B 300 -14.74 13.46 -10.53
C ARG B 300 -15.34 12.58 -9.42
N ASP B 301 -15.71 11.35 -9.73
CA ASP B 301 -16.37 10.47 -8.75
C ASP B 301 -15.33 9.88 -7.79
N THR B 302 -15.81 9.44 -6.63
CA THR B 302 -14.99 8.65 -5.66
C THR B 302 -15.55 7.22 -5.66
N PHE B 303 -14.67 6.23 -5.82
CA PHE B 303 -15.09 4.85 -6.06
C PHE B 303 -14.83 4.00 -4.83
N VAL B 304 -15.81 3.23 -4.41
CA VAL B 304 -15.71 2.49 -3.16
C VAL B 304 -16.03 1.02 -3.40
N GLY B 305 -15.16 0.12 -2.91
CA GLY B 305 -15.41 -1.32 -2.99
C GLY B 305 -14.66 -2.07 -1.89
N ARG B 306 -14.47 -3.37 -2.11
CA ARG B 306 -13.95 -4.30 -1.10
C ARG B 306 -14.67 -4.14 0.25
N ILE B 307 -15.95 -3.77 0.23
CA ILE B 307 -16.67 -3.51 1.50
C ILE B 307 -17.00 -4.82 2.19
N ARG B 308 -16.52 -4.97 3.42
CA ARG B 308 -16.72 -6.23 4.15
C ARG B 308 -16.64 -6.03 5.64
N LYS B 309 -17.32 -6.92 6.38
CA LYS B 309 -17.26 -6.90 7.86
C LYS B 309 -15.86 -7.27 8.32
N ASP B 310 -15.42 -6.64 9.39
CA ASP B 310 -14.27 -7.14 10.15
C ASP B 310 -14.53 -8.59 10.56
N LEU B 311 -13.47 -9.39 10.65
CA LEU B 311 -13.67 -10.79 10.99
C LEU B 311 -14.04 -10.99 12.47
N ASP B 312 -13.81 -9.97 13.29
CA ASP B 312 -14.03 -10.10 14.73
C ASP B 312 -14.83 -9.00 15.39
N ALA B 313 -14.55 -7.74 15.03
CA ALA B 313 -15.22 -6.58 15.64
C ALA B 313 -16.63 -6.46 15.06
N GLU B 314 -17.63 -6.53 15.95
CA GLU B 314 -19.03 -6.57 15.53
C GLU B 314 -19.38 -5.35 14.65
N LYS B 315 -18.85 -4.20 15.03
CA LYS B 315 -19.16 -2.95 14.35
C LYS B 315 -18.08 -2.48 13.38
N GLY B 316 -17.12 -3.36 13.10
CA GLY B 316 -15.99 -3.01 12.21
C GLY B 316 -16.29 -3.31 10.75
N ILE B 317 -15.80 -2.42 9.89
CA ILE B 317 -16.01 -2.53 8.44
C ILE B 317 -14.74 -2.05 7.74
N HIS B 318 -14.27 -2.85 6.79
CA HIS B 318 -13.17 -2.50 5.90
C HIS B 318 -13.65 -2.13 4.51
N MET B 319 -12.96 -1.20 3.87
CA MET B 319 -13.29 -0.88 2.45
C MET B 319 -12.05 -0.33 1.74
N TRP B 320 -12.21 -0.10 0.43
CA TRP B 320 -11.13 0.37 -0.45
C TRP B 320 -11.70 1.57 -1.22
N VAL B 321 -11.04 2.72 -1.11
CA VAL B 321 -11.58 3.97 -1.64
C VAL B 321 -10.55 4.57 -2.60
N VAL B 322 -10.99 4.95 -3.81
CA VAL B 322 -10.08 5.45 -4.85
C VAL B 322 -10.67 6.71 -5.50
N SER B 323 -9.85 7.75 -5.68
CA SER B 323 -10.30 8.92 -6.43
C SER B 323 -9.11 9.62 -7.05
N ASP B 324 -9.34 10.31 -8.17
CA ASP B 324 -8.30 11.12 -8.81
C ASP B 324 -7.94 12.26 -7.84
N ASN B 325 -6.67 12.31 -7.41
CA ASN B 325 -6.30 13.23 -6.35
C ASN B 325 -6.23 14.68 -6.80
N LEU B 326 -6.08 14.90 -8.11
CA LEU B 326 -6.05 16.26 -8.62
C LEU B 326 -7.45 16.77 -8.96
N LEU B 327 -8.42 15.86 -9.03
CA LEU B 327 -9.81 16.25 -9.29
C LEU B 327 -10.58 16.34 -7.98
N LYS B 328 -11.35 15.32 -7.59
CA LYS B 328 -12.10 15.43 -6.31
C LYS B 328 -11.15 15.77 -5.16
N GLY B 329 -9.92 15.25 -5.24
CA GLY B 329 -8.93 15.56 -4.24
C GLY B 329 -8.43 16.99 -4.21
N ALA B 330 -8.71 17.78 -5.26
CA ALA B 330 -8.18 19.15 -5.30
C ALA B 330 -8.99 20.11 -6.19
N ALA B 331 -8.71 20.10 -7.50
CA ALA B 331 -9.27 21.09 -8.40
C ALA B 331 -10.78 21.01 -8.56
N TRP B 332 -11.31 19.78 -8.60
CA TRP B 332 -12.76 19.63 -8.72
C TRP B 332 -13.45 20.01 -7.41
N ASN B 333 -12.91 19.59 -6.25
CA ASN B 333 -13.52 20.03 -4.99
C ASN B 333 -13.56 21.56 -4.91
N SER B 334 -12.49 22.22 -5.35
CA SER B 334 -12.43 23.68 -5.31
C SER B 334 -13.42 24.35 -6.25
N VAL B 335 -13.46 23.87 -7.49
CA VAL B 335 -14.42 24.40 -8.47
C VAL B 335 -15.87 24.12 -8.04
N GLN B 336 -16.10 22.95 -7.44
CA GLN B 336 -17.42 22.60 -6.92
C GLN B 336 -17.81 23.54 -5.75
N ILE B 337 -16.83 23.90 -4.91
CA ILE B 337 -17.06 24.93 -3.89
C ILE B 337 -17.47 26.23 -4.56
N ALA B 338 -16.73 26.65 -5.58
CA ALA B 338 -17.03 27.94 -6.25
C ALA B 338 -18.41 27.91 -6.89
N GLU B 339 -18.76 26.79 -7.54
CA GLU B 339 -20.14 26.65 -8.11
C GLU B 339 -21.19 26.73 -6.99
N THR B 340 -20.92 26.11 -5.84
CA THR B 340 -21.86 26.10 -4.72
C THR B 340 -22.05 27.54 -4.18
N LEU B 341 -20.94 28.27 -4.08
CA LEU B 341 -20.99 29.69 -3.68
C LEU B 341 -21.88 30.49 -4.62
N HIS B 342 -21.70 30.28 -5.92
CA HIS B 342 -22.53 30.94 -6.93
C HIS B 342 -24.00 30.57 -6.78
N GLU B 343 -24.27 29.27 -6.71
CA GLU B 343 -25.63 28.74 -6.66
C GLU B 343 -26.35 29.21 -5.40
N ARG B 344 -25.62 29.44 -4.31
CA ARG B 344 -26.25 29.83 -3.05
C ARG B 344 -26.13 31.31 -2.72
N GLY B 345 -25.67 32.09 -3.68
CA GLY B 345 -25.64 33.56 -3.55
C GLY B 345 -24.63 34.06 -2.55
N LEU B 346 -23.50 33.36 -2.44
CA LEU B 346 -22.51 33.65 -1.41
C LEU B 346 -21.24 34.31 -1.97
N VAL B 347 -21.25 34.64 -3.26
CA VAL B 347 -20.11 35.33 -3.86
C VAL B 347 -20.34 36.84 -3.64
N ARG B 348 -20.00 37.30 -2.43
CA ARG B 348 -20.33 38.65 -1.98
C ARG B 348 -19.11 39.57 -1.99
#